data_8VRW
#
_entry.id   8VRW
#
loop_
_entity.id
_entity.type
_entity.pdbx_description
1 polymer 'HLA class II histocompatibility antigen, DR alpha chain'
2 polymer 'HLA class II histocompatibility antigen, DRB1 beta chain'
3 polymer 'HLA class II histocompatibility antigen gamma chain'
#
loop_
_entity_poly.entity_id
_entity_poly.type
_entity_poly.pdbx_seq_one_letter_code
_entity_poly.pdbx_strand_id
1 'polypeptide(L)'
;MAISGVPVLGFFIIAVLMSAQESWAIKEEHVIIQAEFYLNPDQSGEFMFDFDGDEIFHVDMAKKETVWRLEEFGRFASFE
AQGALANIAVDKANLEIMTKRSNYTPITNVPPEVTVLTNSPVELREPNVLICFIDKFTPPVVNVTWLRNGKPVTTGVSET
VFLPREDHLFRKFHYLPFLPSTEDVYDCRVEHWGLDEPLLKHWEFDAPSPLPETTENVVCALGLTVGLVGIIIGTIFIIK
GLRKSNAAERRGPLAAALEVLFQGPGAAEDQVDPRLIDGKHHHHHHHH
;
A,D,G
2 'polypeptide(L)'
;MVCLKLPGGSCMTALTVTLMVLSSPLALSGDTRPRFLWQPKRECHFFNGTERVRFLDRYFYNQEESVRFDSDVGEFRAVT
ELGRPDAEYWNSQKDILEQARAAVDTYCRHNYGVVESFTVQRRVQPKVTVYPSKTQPLQHHNLLVCSVSGFYPGSIEVRW
FLNGQEEKAGMVSTGLIQNGDWTFQTLVMLETVPRSGEVYTCQVEHPSVTSPLTVEWRARSESAQSKMLSGVGGFVLGLL
FLGAGLFIYFRNQKGHSGLQPTGFLSAAALEVLFQGPGAAEDQVDPRLIDGKHHHHHHHH
;
B,E,H
3 'polypeptide(L)'
;MDYKDDDDAGTSRHRRRSRSCREDQKPVMDDQRDLISNNEQLPMLGRRPGAPESKCSRGALYTGFSILVTLLLAGQATTA
YFLYQQQGRLDKLTVTSQNLQLENLRMKLPKPPKPVSKMRMATPLLMQALPMGALPQGPMQNATKYGNMTEDHVMHLLQN
ADPLKVYPPLKGSFPENLRHLKNTMETIDWKVFESWMHHWLLFEMSRHSLEQKPTDAPPKVLTKCQEEVSHIPAVHPGSF
RPKCDENGNYLPLQCYGSIGYCWCVFPNGTEVPNTRSRGHHNCSESLELEDPSSGLGVTKQDLGPVPM
;
C,F,I
#
# COMPACT_ATOMS: atom_id res chain seq x y z
N GLU A 28 -15.00 -17.55 -30.28
CA GLU A 28 -14.36 -16.35 -29.75
C GLU A 28 -15.37 -15.25 -29.48
N GLU A 29 -16.63 -15.65 -29.31
CA GLU A 29 -17.68 -14.70 -28.94
C GLU A 29 -17.47 -14.20 -27.52
N HIS A 30 -17.67 -12.90 -27.32
CA HIS A 30 -17.53 -12.29 -26.00
C HIS A 30 -18.67 -11.30 -25.78
N VAL A 31 -18.97 -11.05 -24.51
CA VAL A 31 -20.06 -10.16 -24.12
C VAL A 31 -19.51 -9.13 -23.13
N ILE A 32 -19.84 -7.86 -23.36
CA ILE A 32 -19.52 -6.79 -22.44
C ILE A 32 -20.83 -6.19 -21.93
N ILE A 33 -21.00 -6.21 -20.61
CA ILE A 33 -22.23 -5.75 -19.98
C ILE A 33 -21.91 -4.61 -19.03
N GLN A 34 -22.95 -3.90 -18.61
CA GLN A 34 -22.82 -2.76 -17.71
C GLN A 34 -23.95 -2.84 -16.68
N ALA A 35 -23.60 -3.12 -15.43
CA ALA A 35 -24.57 -3.27 -14.35
C ALA A 35 -24.58 -2.00 -13.50
N GLU A 36 -25.76 -1.41 -13.32
CA GLU A 36 -25.91 -0.13 -12.63
C GLU A 36 -27.11 -0.18 -11.69
N PHE A 37 -27.21 -1.25 -10.91
CA PHE A 37 -28.41 -1.44 -10.09
C PHE A 37 -28.45 -0.48 -8.92
N TYR A 38 -29.67 -0.17 -8.49
CA TYR A 38 -29.90 0.66 -7.30
C TYR A 38 -31.17 0.15 -6.63
N LEU A 39 -31.12 0.00 -5.31
CA LEU A 39 -32.19 -0.60 -4.54
C LEU A 39 -32.87 0.44 -3.64
N ASN A 40 -34.17 0.23 -3.40
CA ASN A 40 -34.95 1.11 -2.55
C ASN A 40 -36.02 0.30 -1.82
N PRO A 41 -36.16 0.45 -0.51
CA PRO A 41 -35.33 1.29 0.34
C PRO A 41 -34.10 0.56 0.85
N ASP A 42 -32.94 0.88 0.29
CA ASP A 42 -31.66 0.51 0.90
C ASP A 42 -30.59 1.57 0.70
N GLN A 43 -30.80 2.55 -0.20
CA GLN A 43 -29.79 3.56 -0.54
C GLN A 43 -28.47 2.93 -0.94
N SER A 44 -28.55 1.88 -1.76
CA SER A 44 -27.37 1.16 -2.22
C SER A 44 -27.41 1.05 -3.74
N GLY A 45 -26.33 1.47 -4.39
CA GLY A 45 -26.17 1.30 -5.81
C GLY A 45 -24.72 1.04 -6.17
N GLU A 46 -24.53 0.38 -7.31
CA GLU A 46 -23.19 -0.01 -7.74
C GLU A 46 -23.04 0.21 -9.23
N PHE A 47 -21.84 -0.08 -9.73
CA PHE A 47 -21.50 0.07 -11.14
C PHE A 47 -20.35 -0.88 -11.45
N MET A 48 -20.39 -1.50 -12.63
CA MET A 48 -19.34 -2.43 -13.02
C MET A 48 -19.41 -2.68 -14.51
N PHE A 49 -18.34 -3.26 -15.04
CA PHE A 49 -18.28 -3.73 -16.41
C PHE A 49 -18.09 -5.24 -16.39
N ASP A 50 -18.98 -5.97 -17.06
CA ASP A 50 -18.99 -7.42 -17.05
C ASP A 50 -18.42 -7.94 -18.36
N PHE A 51 -17.38 -8.76 -18.28
CA PHE A 51 -16.75 -9.37 -19.46
C PHE A 51 -16.79 -10.88 -19.26
N ASP A 52 -17.77 -11.53 -19.87
CA ASP A 52 -17.99 -12.96 -19.72
C ASP A 52 -18.13 -13.36 -18.25
N GLY A 53 -18.98 -12.64 -17.55
CA GLY A 53 -19.25 -12.88 -16.14
C GLY A 53 -18.30 -12.21 -15.17
N ASP A 54 -17.02 -12.18 -15.51
CA ASP A 54 -16.03 -11.52 -14.66
C ASP A 54 -16.21 -10.01 -14.69
N GLU A 55 -15.55 -9.33 -13.76
CA GLU A 55 -15.71 -7.90 -13.54
C GLU A 55 -14.44 -7.18 -13.97
N ILE A 56 -14.57 -6.26 -14.92
CA ILE A 56 -13.42 -5.46 -15.34
C ILE A 56 -13.01 -4.50 -14.23
N PHE A 57 -13.97 -3.78 -13.67
CA PHE A 57 -13.73 -2.84 -12.59
C PHE A 57 -15.09 -2.48 -11.98
N HIS A 58 -15.05 -1.67 -10.92
CA HIS A 58 -16.26 -1.20 -10.29
C HIS A 58 -15.99 0.15 -9.63
N VAL A 59 -16.91 1.09 -9.82
CA VAL A 59 -16.76 2.45 -9.31
C VAL A 59 -17.37 2.50 -7.92
N ASP A 60 -16.51 2.55 -6.89
CA ASP A 60 -16.97 2.64 -5.52
C ASP A 60 -17.56 4.02 -5.28
N MET A 61 -18.85 4.06 -4.89
CA MET A 61 -19.52 5.33 -4.66
C MET A 61 -18.89 6.07 -3.49
N ALA A 62 -18.52 5.35 -2.43
CA ALA A 62 -17.99 5.99 -1.23
C ALA A 62 -16.66 6.69 -1.53
N LYS A 63 -15.72 5.98 -2.13
CA LYS A 63 -14.41 6.55 -2.41
C LYS A 63 -14.35 7.33 -3.72
N LYS A 64 -15.38 7.21 -4.56
CA LYS A 64 -15.42 7.86 -5.87
C LYS A 64 -14.16 7.52 -6.68
N GLU A 65 -13.85 6.24 -6.73
CA GLU A 65 -12.63 5.75 -7.35
C GLU A 65 -12.96 4.60 -8.30
N THR A 66 -12.18 4.49 -9.37
CA THR A 66 -12.31 3.40 -10.33
C THR A 66 -11.49 2.22 -9.82
N VAL A 67 -12.10 1.41 -8.96
CA VAL A 67 -11.42 0.27 -8.36
C VAL A 67 -11.38 -0.87 -9.37
N TRP A 68 -10.23 -1.09 -9.97
CA TRP A 68 -10.07 -2.18 -10.93
C TRP A 68 -10.02 -3.52 -10.19
N ARG A 69 -10.69 -4.52 -10.76
CA ARG A 69 -10.68 -5.84 -10.13
C ARG A 69 -9.27 -6.38 -10.03
N LEU A 70 -8.47 -6.22 -11.08
CA LEU A 70 -7.04 -6.45 -11.03
C LEU A 70 -6.34 -5.11 -11.29
N GLU A 71 -5.40 -4.77 -10.41
CA GLU A 71 -4.68 -3.50 -10.56
C GLU A 71 -3.89 -3.44 -11.86
N GLU A 72 -3.61 -4.60 -12.48
CA GLU A 72 -2.92 -4.62 -13.76
C GLU A 72 -3.73 -3.95 -14.86
N PHE A 73 -5.05 -3.87 -14.65
CA PHE A 73 -5.94 -3.24 -15.66
C PHE A 73 -5.80 -1.73 -15.59
N GLY A 74 -5.53 -1.19 -14.39
CA GLY A 74 -5.32 0.26 -14.25
C GLY A 74 -4.07 0.70 -14.99
N ARG A 75 -3.08 -0.19 -15.12
CA ARG A 75 -1.85 0.13 -15.87
C ARG A 75 -2.09 -0.13 -17.36
N PHE A 76 -3.31 -0.55 -17.71
CA PHE A 76 -3.61 -0.90 -19.13
C PHE A 76 -4.75 -0.03 -19.66
N ALA A 77 -5.67 0.38 -18.78
CA ALA A 77 -6.84 1.17 -19.23
C ALA A 77 -7.18 2.26 -18.20
N SER A 78 -8.28 2.98 -18.40
CA SER A 78 -8.68 4.04 -17.50
C SER A 78 -10.18 4.24 -17.58
N PHE A 79 -10.73 4.91 -16.57
CA PHE A 79 -12.16 5.19 -16.51
C PHE A 79 -12.40 6.39 -15.62
N GLU A 80 -13.41 7.16 -15.96
CA GLU A 80 -13.78 8.37 -15.22
C GLU A 80 -14.89 8.01 -14.24
N ALA A 81 -14.54 7.94 -12.95
CA ALA A 81 -15.46 7.46 -11.93
C ALA A 81 -16.64 8.38 -11.73
N GLN A 82 -16.45 9.70 -11.89
CA GLN A 82 -17.54 10.63 -11.64
C GLN A 82 -18.69 10.42 -12.61
N GLY A 83 -18.40 9.95 -13.82
CA GLY A 83 -19.47 9.67 -14.77
C GLY A 83 -20.40 8.57 -14.31
N ALA A 84 -19.84 7.54 -13.67
CA ALA A 84 -20.67 6.43 -13.17
C ALA A 84 -21.63 6.90 -12.09
N LEU A 85 -21.17 7.80 -11.21
CA LEU A 85 -22.05 8.28 -10.14
C LEU A 85 -23.24 9.05 -10.71
N ALA A 86 -23.05 9.71 -11.85
CA ALA A 86 -24.17 10.38 -12.50
C ALA A 86 -25.22 9.38 -12.95
N ASN A 87 -24.78 8.23 -13.48
CA ASN A 87 -25.72 7.21 -13.92
C ASN A 87 -26.53 6.65 -12.75
N ILE A 88 -25.86 6.35 -11.64
CA ILE A 88 -26.55 5.78 -10.48
C ILE A 88 -27.58 6.75 -9.95
N ALA A 89 -27.28 8.05 -9.99
CA ALA A 89 -28.29 9.04 -9.63
C ALA A 89 -29.47 8.99 -10.59
N VAL A 90 -29.21 8.82 -11.89
CA VAL A 90 -30.29 8.66 -12.85
C VAL A 90 -30.99 7.32 -12.63
N ASP A 91 -30.24 6.27 -12.33
CA ASP A 91 -30.83 4.97 -12.04
C ASP A 91 -31.73 5.04 -10.82
N LYS A 92 -31.30 5.76 -9.79
CA LYS A 92 -32.15 5.98 -8.62
C LYS A 92 -33.43 6.73 -9.00
N ALA A 93 -33.31 7.73 -9.87
CA ALA A 93 -34.48 8.50 -10.28
C ALA A 93 -35.47 7.63 -11.05
N ASN A 94 -34.97 6.81 -11.97
CA ASN A 94 -35.87 5.95 -12.74
C ASN A 94 -36.59 4.96 -11.85
N LEU A 95 -35.88 4.37 -10.89
CA LEU A 95 -36.50 3.42 -9.98
C LEU A 95 -37.63 4.07 -9.20
N GLU A 96 -37.44 5.32 -8.76
CA GLU A 96 -38.52 6.06 -8.13
C GLU A 96 -39.66 6.28 -9.12
N ILE A 97 -39.34 6.61 -10.37
CA ILE A 97 -40.36 6.75 -11.40
C ILE A 97 -41.07 5.42 -11.64
N MET A 98 -40.31 4.33 -11.73
CA MET A 98 -40.93 3.02 -11.95
C MET A 98 -41.76 2.60 -10.74
N THR A 99 -41.30 2.91 -9.54
CA THR A 99 -42.02 2.52 -8.33
C THR A 99 -43.42 3.13 -8.29
N LYS A 100 -43.53 4.41 -8.65
CA LYS A 100 -44.85 5.04 -8.71
C LYS A 100 -45.70 4.41 -9.81
N ARG A 101 -45.09 4.10 -10.95
CA ARG A 101 -45.82 3.49 -12.06
C ARG A 101 -46.16 2.03 -11.81
N SER A 102 -45.40 1.33 -11.00
CA SER A 102 -45.63 -0.09 -10.74
C SER A 102 -46.55 -0.33 -9.56
N ASN A 103 -47.10 0.72 -8.97
CA ASN A 103 -48.03 0.61 -7.83
C ASN A 103 -47.40 -0.12 -6.66
N TYR A 104 -46.09 0.08 -6.47
CA TYR A 104 -45.35 -0.47 -5.33
C TYR A 104 -45.45 -2.00 -5.29
N THR A 105 -44.97 -2.63 -6.35
CA THR A 105 -44.95 -4.09 -6.30
C THR A 105 -43.61 -4.57 -5.75
N PRO A 106 -43.60 -5.58 -4.89
CA PRO A 106 -42.36 -6.04 -4.26
C PRO A 106 -41.59 -6.97 -5.19
N ILE A 107 -40.52 -7.55 -4.64
CA ILE A 107 -39.63 -8.44 -5.36
C ILE A 107 -39.63 -9.79 -4.67
N THR A 108 -39.81 -10.85 -5.45
CA THR A 108 -39.68 -12.21 -4.91
C THR A 108 -38.24 -12.46 -4.51
N ASN A 109 -38.01 -12.51 -3.20
CA ASN A 109 -36.66 -12.64 -2.65
C ASN A 109 -36.20 -14.08 -2.85
N VAL A 110 -35.45 -14.31 -3.93
CA VAL A 110 -34.95 -15.65 -4.24
C VAL A 110 -33.96 -16.08 -3.16
N PRO A 111 -33.99 -17.33 -2.71
CA PRO A 111 -33.01 -17.79 -1.72
C PRO A 111 -31.62 -17.85 -2.32
N PRO A 112 -30.64 -17.25 -1.65
CA PRO A 112 -29.27 -17.28 -2.14
C PRO A 112 -28.55 -18.60 -1.93
N GLU A 113 -28.67 -19.54 -2.88
CA GLU A 113 -27.87 -20.75 -2.84
C GLU A 113 -26.39 -20.41 -2.63
N VAL A 114 -25.81 -20.96 -1.58
CA VAL A 114 -24.46 -20.61 -1.15
C VAL A 114 -23.57 -21.84 -1.26
N THR A 115 -22.42 -21.69 -1.89
CA THR A 115 -21.40 -22.73 -1.98
C THR A 115 -20.09 -22.15 -1.49
N VAL A 116 -19.44 -22.87 -0.58
CA VAL A 116 -18.15 -22.45 -0.03
C VAL A 116 -17.06 -23.23 -0.74
N LEU A 117 -16.14 -22.51 -1.35
CA LEU A 117 -15.04 -23.08 -2.13
C LEU A 117 -13.75 -22.34 -1.80
N THR A 118 -12.66 -22.79 -2.41
CA THR A 118 -11.36 -22.17 -2.26
C THR A 118 -10.78 -21.85 -3.62
N ASN A 119 -9.97 -20.79 -3.69
CA ASN A 119 -9.40 -20.36 -4.95
C ASN A 119 -8.48 -21.42 -5.55
N SER A 120 -7.77 -22.16 -4.71
CA SER A 120 -6.88 -23.23 -5.11
C SER A 120 -7.12 -24.42 -4.21
N PRO A 121 -6.74 -25.68 -4.57
CA PRO A 121 -6.88 -26.80 -3.62
C PRO A 121 -6.31 -26.41 -2.25
N VAL A 122 -7.13 -26.50 -1.19
CA VAL A 122 -6.67 -26.10 0.18
C VAL A 122 -5.32 -26.76 0.47
N GLU A 123 -4.31 -25.96 0.81
CA GLU A 123 -2.98 -26.51 1.16
C GLU A 123 -2.69 -26.18 2.63
N LEU A 124 -2.56 -27.20 3.48
CA LEU A 124 -2.36 -26.97 4.94
C LEU A 124 -1.28 -25.91 5.18
N ARG A 125 -1.57 -24.92 6.02
CA ARG A 125 -0.58 -23.87 6.37
C ARG A 125 -0.07 -23.17 5.10
N GLU A 126 -0.85 -23.17 4.03
CA GLU A 126 -0.45 -22.41 2.81
C GLU A 126 -1.59 -21.46 2.44
N PRO A 127 -1.40 -20.13 2.56
CA PRO A 127 -2.49 -19.16 2.35
C PRO A 127 -3.46 -19.45 1.18
N ASN A 128 -4.76 -19.41 1.45
CA ASN A 128 -5.79 -19.61 0.38
C ASN A 128 -6.87 -18.54 0.55
N VAL A 129 -7.72 -18.32 -0.45
CA VAL A 129 -8.79 -17.34 -0.27
C VAL A 129 -10.11 -18.12 -0.29
N LEU A 130 -10.65 -18.53 0.86
CA LEU A 130 -12.01 -19.07 0.88
C LEU A 130 -12.93 -18.18 0.08
N ILE A 131 -13.80 -18.78 -0.72
CA ILE A 131 -14.72 -18.06 -1.58
C ILE A 131 -16.13 -18.53 -1.26
N CYS A 132 -16.95 -17.62 -0.76
CA CYS A 132 -18.35 -17.91 -0.45
C CYS A 132 -19.20 -17.39 -1.61
N PHE A 133 -19.80 -18.31 -2.36
CA PHE A 133 -20.50 -17.99 -3.59
C PHE A 133 -21.98 -17.76 -3.28
N ILE A 134 -22.32 -16.52 -2.94
CA ILE A 134 -23.72 -16.13 -2.73
C ILE A 134 -24.34 -15.99 -4.12
N ASP A 135 -25.08 -17.01 -4.54
CA ASP A 135 -25.51 -17.15 -5.92
C ASP A 135 -27.04 -17.20 -6.01
N LYS A 136 -27.57 -16.63 -7.09
CA LYS A 136 -28.99 -16.68 -7.43
C LYS A 136 -29.84 -16.06 -6.31
N PHE A 137 -29.65 -14.75 -6.13
CA PHE A 137 -30.41 -14.02 -5.13
C PHE A 137 -30.76 -12.63 -5.62
N THR A 138 -31.82 -12.08 -5.04
CA THR A 138 -32.27 -10.71 -5.22
C THR A 138 -33.16 -10.36 -4.05
N PRO A 139 -33.14 -9.11 -3.54
CA PRO A 139 -32.32 -7.96 -3.94
C PRO A 139 -30.85 -8.11 -3.59
N PRO A 140 -29.97 -7.39 -4.28
CA PRO A 140 -28.52 -7.53 -4.03
C PRO A 140 -28.06 -6.79 -2.77
N VAL A 141 -28.66 -7.15 -1.64
CA VAL A 141 -28.21 -6.68 -0.34
C VAL A 141 -28.26 -7.89 0.59
N VAL A 142 -27.08 -8.36 1.02
CA VAL A 142 -26.99 -9.54 1.86
C VAL A 142 -26.03 -9.27 3.00
N ASN A 143 -26.21 -10.02 4.09
CA ASN A 143 -25.34 -9.93 5.27
C ASN A 143 -24.50 -11.20 5.32
N VAL A 144 -23.24 -11.08 4.92
CA VAL A 144 -22.30 -12.19 4.89
C VAL A 144 -21.24 -11.95 5.96
N THR A 145 -21.07 -12.93 6.85
CA THR A 145 -20.09 -12.83 7.91
C THR A 145 -19.33 -14.15 8.01
N TRP A 146 -18.01 -14.07 8.05
CA TRP A 146 -17.18 -15.25 8.19
C TRP A 146 -17.01 -15.58 9.67
N LEU A 147 -17.32 -16.82 10.03
CA LEU A 147 -17.25 -17.30 11.41
C LEU A 147 -16.15 -18.34 11.52
N ARG A 148 -15.06 -17.98 12.18
CA ARG A 148 -13.98 -18.91 12.48
C ARG A 148 -14.17 -19.43 13.90
N ASN A 149 -14.43 -20.73 14.02
CA ASN A 149 -14.73 -21.36 15.30
C ASN A 149 -15.92 -20.70 15.99
N GLY A 150 -16.91 -20.28 15.20
CA GLY A 150 -18.13 -19.72 15.72
C GLY A 150 -18.08 -18.24 16.06
N LYS A 151 -16.95 -17.58 15.86
CA LYS A 151 -16.86 -16.16 16.19
C LYS A 151 -16.68 -15.33 14.92
N PRO A 152 -17.22 -14.11 14.90
CA PRO A 152 -17.13 -13.28 13.70
C PRO A 152 -15.68 -12.93 13.37
N VAL A 153 -15.41 -12.82 12.07
CA VAL A 153 -14.10 -12.42 11.56
C VAL A 153 -14.28 -11.16 10.73
N THR A 154 -13.66 -10.07 11.18
CA THR A 154 -13.74 -8.78 10.51
C THR A 154 -12.37 -8.16 10.34
N THR A 155 -11.37 -8.99 10.09
CA THR A 155 -9.99 -8.53 9.88
C THR A 155 -9.41 -9.27 8.68
N GLY A 156 -9.28 -8.56 7.57
CA GLY A 156 -8.71 -9.15 6.37
C GLY A 156 -9.71 -9.93 5.55
N VAL A 157 -10.94 -9.41 5.50
CA VAL A 157 -12.05 -10.16 4.84
C VAL A 157 -12.60 -9.28 3.72
N SER A 158 -12.55 -9.77 2.49
CA SER A 158 -12.97 -8.92 1.35
C SER A 158 -14.22 -9.47 0.67
N GLU A 159 -14.88 -8.65 -0.15
CA GLU A 159 -16.09 -9.08 -0.88
C GLU A 159 -16.08 -8.40 -2.25
N THR A 160 -16.56 -9.09 -3.29
CA THR A 160 -16.65 -8.45 -4.62
C THR A 160 -18.03 -7.78 -4.77
N VAL A 161 -18.13 -6.75 -5.59
CA VAL A 161 -19.41 -6.11 -5.85
C VAL A 161 -20.37 -7.15 -6.43
N PHE A 162 -21.67 -6.89 -6.25
CA PHE A 162 -22.71 -7.79 -6.72
C PHE A 162 -22.64 -7.95 -8.22
N LEU A 163 -22.23 -9.13 -8.69
CA LEU A 163 -21.99 -9.49 -10.08
C LEU A 163 -23.27 -10.04 -10.72
N PRO A 164 -23.50 -9.77 -12.00
CA PRO A 164 -24.75 -10.16 -12.64
C PRO A 164 -24.68 -11.55 -13.26
N ARG A 165 -25.85 -12.04 -13.68
CA ARG A 165 -25.97 -13.35 -14.32
C ARG A 165 -26.92 -13.24 -15.51
N GLU A 166 -26.99 -14.33 -16.28
CA GLU A 166 -27.81 -14.34 -17.48
C GLU A 166 -29.29 -14.15 -17.15
N ASP A 167 -29.77 -14.82 -16.10
CA ASP A 167 -31.16 -14.69 -15.67
C ASP A 167 -31.36 -13.60 -14.64
N HIS A 168 -30.35 -12.73 -14.45
CA HIS A 168 -30.47 -11.51 -13.67
C HIS A 168 -30.67 -11.81 -12.18
N LEU A 169 -29.95 -12.80 -11.69
CA LEU A 169 -29.82 -13.06 -10.26
C LEU A 169 -28.36 -12.84 -9.89
N PHE A 170 -28.13 -12.03 -8.86
CA PHE A 170 -26.78 -11.55 -8.61
C PHE A 170 -25.90 -12.65 -8.02
N ARG A 171 -24.60 -12.51 -8.27
CA ARG A 171 -23.56 -13.30 -7.63
C ARG A 171 -22.77 -12.40 -6.70
N LYS A 172 -22.07 -13.03 -5.76
CA LYS A 172 -21.21 -12.28 -4.86
C LYS A 172 -20.19 -13.24 -4.28
N PHE A 173 -18.92 -12.84 -4.30
CA PHE A 173 -17.84 -13.63 -3.75
C PHE A 173 -17.28 -12.93 -2.52
N HIS A 174 -17.07 -13.70 -1.45
CA HIS A 174 -16.44 -13.19 -0.26
C HIS A 174 -15.10 -13.90 -0.07
N TYR A 175 -14.04 -13.10 0.10
CA TYR A 175 -12.68 -13.61 0.12
C TYR A 175 -12.14 -13.47 1.54
N LEU A 176 -11.65 -14.57 2.10
CA LEU A 176 -11.03 -14.61 3.41
C LEU A 176 -9.65 -15.22 3.26
N PRO A 177 -8.61 -14.42 3.06
CA PRO A 177 -7.25 -14.97 3.02
C PRO A 177 -6.89 -15.60 4.34
N PHE A 178 -6.74 -16.92 4.36
CA PHE A 178 -6.58 -17.67 5.59
C PHE A 178 -5.41 -18.62 5.46
N LEU A 179 -4.76 -18.89 6.60
CA LEU A 179 -3.79 -19.95 6.69
C LEU A 179 -4.53 -21.22 7.09
N PRO A 180 -4.64 -22.23 6.22
CA PRO A 180 -5.49 -23.37 6.52
C PRO A 180 -5.04 -24.11 7.77
N SER A 181 -6.02 -24.58 8.55
CA SER A 181 -5.75 -25.32 9.76
C SER A 181 -6.95 -26.19 10.08
N THR A 182 -6.69 -27.40 10.58
CA THR A 182 -7.78 -28.28 10.98
C THR A 182 -8.45 -27.80 12.26
N GLU A 183 -7.73 -27.03 13.07
CA GLU A 183 -8.30 -26.56 14.33
C GLU A 183 -9.44 -25.57 14.11
N ASP A 184 -9.40 -24.83 13.00
CA ASP A 184 -10.39 -23.81 12.73
C ASP A 184 -11.42 -24.30 11.72
N VAL A 185 -12.68 -24.05 11.99
CA VAL A 185 -13.79 -24.38 11.10
C VAL A 185 -14.48 -23.08 10.70
N TYR A 186 -14.54 -22.81 9.41
CA TYR A 186 -15.05 -21.56 8.89
C TYR A 186 -16.51 -21.69 8.49
N ASP A 187 -17.19 -20.54 8.45
CA ASP A 187 -18.60 -20.49 8.09
C ASP A 187 -18.87 -19.21 7.30
N CYS A 188 -19.96 -19.23 6.56
CA CYS A 188 -20.41 -18.08 5.77
C CYS A 188 -21.88 -17.87 6.08
N ARG A 189 -22.17 -17.11 7.14
CA ARG A 189 -23.55 -16.80 7.49
C ARG A 189 -24.12 -15.83 6.46
N VAL A 190 -25.20 -16.25 5.80
CA VAL A 190 -25.78 -15.51 4.69
C VAL A 190 -27.20 -15.16 5.08
N GLU A 191 -27.42 -13.91 5.48
CA GLU A 191 -28.73 -13.42 5.92
C GLU A 191 -29.39 -12.70 4.75
N HIS A 192 -30.37 -13.35 4.13
CA HIS A 192 -31.14 -12.75 3.05
C HIS A 192 -32.62 -12.85 3.36
N TRP A 193 -33.36 -11.83 2.94
CA TRP A 193 -34.78 -11.75 3.28
C TRP A 193 -35.56 -12.92 2.68
N GLY A 194 -35.04 -13.54 1.63
CA GLY A 194 -35.69 -14.72 1.09
C GLY A 194 -35.57 -15.93 1.99
N LEU A 195 -34.61 -15.92 2.91
CA LEU A 195 -34.38 -17.02 3.83
C LEU A 195 -35.11 -16.75 5.13
N ASP A 196 -35.99 -17.66 5.53
CA ASP A 196 -36.65 -17.55 6.83
C ASP A 196 -35.62 -17.69 7.95
N GLU A 197 -34.74 -18.68 7.86
CA GLU A 197 -33.67 -18.90 8.81
C GLU A 197 -32.32 -18.61 8.16
N PRO A 198 -31.34 -18.14 8.93
CA PRO A 198 -30.03 -17.83 8.34
C PRO A 198 -29.36 -19.09 7.78
N LEU A 199 -28.72 -18.94 6.63
CA LEU A 199 -27.94 -20.03 6.06
C LEU A 199 -26.57 -20.08 6.71
N LEU A 200 -26.08 -21.30 6.96
CA LEU A 200 -24.78 -21.52 7.58
C LEU A 200 -24.08 -22.64 6.81
N LYS A 201 -23.32 -22.27 5.79
CA LYS A 201 -22.49 -23.22 5.09
C LYS A 201 -21.15 -23.35 5.79
N HIS A 202 -20.53 -24.52 5.64
CA HIS A 202 -19.39 -24.90 6.44
C HIS A 202 -18.22 -25.30 5.55
N TRP A 203 -17.00 -25.05 6.04
CA TRP A 203 -15.80 -25.50 5.39
C TRP A 203 -14.85 -26.07 6.43
N GLU A 204 -14.08 -27.07 6.03
CA GLU A 204 -13.06 -27.66 6.89
C GLU A 204 -11.99 -28.28 6.01
N PHE A 205 -10.76 -28.28 6.52
CA PHE A 205 -9.62 -28.78 5.75
C PHE A 205 -9.71 -30.30 5.63
N ASP A 206 -9.90 -30.77 4.40
CA ASP A 206 -9.94 -32.20 4.10
C ASP A 206 -9.41 -32.38 2.68
N ALA A 207 -8.15 -32.76 2.56
CA ALA A 207 -7.54 -32.98 1.25
C ALA A 207 -6.42 -34.01 1.32
N THR B 32 -37.65 -6.24 6.86
CA THR B 32 -38.33 -6.95 5.78
C THR B 32 -39.46 -6.12 5.18
N ARG B 33 -39.09 -5.21 4.28
CA ARG B 33 -40.01 -4.34 3.58
C ARG B 33 -39.96 -4.62 2.09
N PRO B 34 -41.02 -4.27 1.35
CA PRO B 34 -40.98 -4.43 -0.12
C PRO B 34 -39.85 -3.62 -0.74
N ARG B 35 -39.20 -4.20 -1.74
CA ARG B 35 -38.04 -3.62 -2.38
C ARG B 35 -38.34 -3.26 -3.83
N PHE B 36 -37.42 -2.50 -4.43
CA PHE B 36 -37.52 -2.13 -5.83
C PHE B 36 -36.11 -2.08 -6.41
N LEU B 37 -35.90 -2.77 -7.53
CA LEU B 37 -34.58 -2.93 -8.10
C LEU B 37 -34.59 -2.53 -9.57
N TRP B 38 -33.61 -1.71 -9.97
CA TRP B 38 -33.49 -1.24 -11.35
C TRP B 38 -32.06 -1.45 -11.81
N GLN B 39 -31.80 -2.56 -12.49
CA GLN B 39 -30.47 -2.91 -12.96
C GLN B 39 -30.42 -2.95 -14.49
N PRO B 40 -29.90 -1.90 -15.13
CA PRO B 40 -29.66 -1.97 -16.58
C PRO B 40 -28.60 -3.02 -16.90
N LYS B 41 -28.72 -3.62 -18.09
CA LYS B 41 -27.74 -4.57 -18.59
C LYS B 41 -27.48 -4.22 -20.05
N ARG B 42 -26.44 -3.41 -20.28
CA ARG B 42 -26.06 -3.00 -21.62
C ARG B 42 -25.07 -4.01 -22.17
N GLU B 43 -25.59 -4.99 -22.90
CA GLU B 43 -24.79 -6.09 -23.42
C GLU B 43 -24.19 -5.75 -24.78
N CYS B 44 -23.02 -6.30 -25.05
CA CYS B 44 -22.28 -6.08 -26.30
C CYS B 44 -21.80 -7.43 -26.81
N HIS B 45 -22.48 -7.97 -27.81
CA HIS B 45 -22.15 -9.27 -28.37
C HIS B 45 -21.44 -9.07 -29.71
N PHE B 46 -20.14 -9.37 -29.75
CA PHE B 46 -19.40 -9.35 -31.00
C PHE B 46 -18.79 -10.72 -31.27
N PHE B 47 -18.91 -11.18 -32.51
CA PHE B 47 -18.47 -12.49 -32.94
C PHE B 47 -17.29 -12.36 -33.89
N ASN B 48 -16.29 -13.25 -33.71
CA ASN B 48 -15.08 -13.27 -34.53
C ASN B 48 -14.40 -11.88 -34.49
N GLY B 49 -14.02 -11.50 -33.27
CA GLY B 49 -13.47 -10.18 -33.06
C GLY B 49 -14.55 -9.12 -33.15
N THR B 50 -14.53 -8.34 -34.23
CA THR B 50 -15.53 -7.30 -34.46
C THR B 50 -16.12 -7.39 -35.87
N GLU B 51 -16.12 -8.58 -36.46
CA GLU B 51 -16.71 -8.76 -37.78
C GLU B 51 -18.20 -8.47 -37.76
N ARG B 52 -18.90 -8.96 -36.73
CA ARG B 52 -20.32 -8.70 -36.55
C ARG B 52 -20.56 -8.39 -35.08
N VAL B 53 -21.08 -7.20 -34.79
CA VAL B 53 -21.28 -6.73 -33.42
C VAL B 53 -22.77 -6.61 -33.16
N ARG B 54 -23.22 -7.18 -32.04
CA ARG B 54 -24.61 -7.11 -31.61
C ARG B 54 -24.67 -6.35 -30.29
N PHE B 55 -25.48 -5.30 -30.25
CA PHE B 55 -25.61 -4.45 -29.06
C PHE B 55 -27.00 -4.67 -28.47
N LEU B 56 -27.07 -5.54 -27.45
CA LEU B 56 -28.32 -5.83 -26.76
C LEU B 56 -28.42 -4.95 -25.54
N ASP B 57 -29.31 -3.97 -25.58
CA ASP B 57 -29.49 -3.02 -24.48
C ASP B 57 -30.66 -3.48 -23.64
N ARG B 58 -30.37 -4.04 -22.47
CA ARG B 58 -31.38 -4.60 -21.58
C ARG B 58 -31.53 -3.72 -20.35
N TYR B 59 -32.75 -3.30 -20.06
CA TYR B 59 -33.09 -2.62 -18.81
C TYR B 59 -34.05 -3.52 -18.05
N PHE B 60 -33.52 -4.23 -17.05
CA PHE B 60 -34.29 -5.22 -16.31
C PHE B 60 -34.75 -4.67 -14.97
N TYR B 61 -36.03 -4.87 -14.67
CA TYR B 61 -36.64 -4.39 -13.44
C TYR B 61 -37.17 -5.57 -12.66
N ASN B 62 -36.64 -5.77 -11.46
CA ASN B 62 -37.07 -6.84 -10.56
C ASN B 62 -36.97 -8.21 -11.22
N GLN B 63 -35.81 -8.47 -11.82
CA GLN B 63 -35.53 -9.71 -12.55
C GLN B 63 -36.47 -9.92 -13.73
N GLU B 64 -37.04 -8.84 -14.27
CA GLU B 64 -37.86 -8.89 -15.48
C GLU B 64 -37.48 -7.74 -16.38
N GLU B 65 -37.43 -8.01 -17.68
CA GLU B 65 -37.00 -7.01 -18.65
C GLU B 65 -38.07 -5.95 -18.87
N SER B 66 -37.63 -4.75 -19.23
CA SER B 66 -38.51 -3.66 -19.62
C SER B 66 -38.34 -3.29 -21.09
N VAL B 67 -37.12 -2.98 -21.53
CA VAL B 67 -36.83 -2.73 -22.93
C VAL B 67 -35.64 -3.59 -23.32
N ARG B 68 -35.57 -3.93 -24.60
CA ARG B 68 -34.53 -4.82 -25.13
C ARG B 68 -33.98 -4.26 -26.44
N PHE B 69 -33.62 -2.98 -26.44
CA PHE B 69 -33.03 -2.36 -27.62
C PHE B 69 -31.87 -3.19 -28.14
N ASP B 70 -32.01 -3.70 -29.35
CA ASP B 70 -31.02 -4.59 -29.94
C ASP B 70 -30.55 -4.02 -31.27
N SER B 71 -29.27 -4.20 -31.56
CA SER B 71 -28.72 -3.73 -32.83
C SER B 71 -29.12 -4.64 -33.97
N ASP B 72 -29.27 -5.94 -33.73
CA ASP B 72 -29.75 -6.84 -34.77
C ASP B 72 -31.13 -6.42 -35.26
N VAL B 73 -32.04 -6.14 -34.34
CA VAL B 73 -33.35 -5.63 -34.71
C VAL B 73 -33.24 -4.17 -35.15
N GLY B 74 -32.51 -3.37 -34.40
CA GLY B 74 -32.38 -1.94 -34.66
C GLY B 74 -33.52 -1.12 -34.13
N GLU B 75 -34.75 -1.58 -34.35
CA GLU B 75 -35.93 -0.90 -33.84
C GLU B 75 -36.03 -1.06 -32.34
N PHE B 76 -36.54 -0.02 -31.68
CA PHE B 76 -36.73 -0.04 -30.24
C PHE B 76 -37.96 -0.88 -29.89
N ARG B 77 -37.76 -1.92 -29.09
CA ARG B 77 -38.81 -2.84 -28.69
C ARG B 77 -38.95 -2.86 -27.17
N ALA B 78 -39.91 -3.66 -26.70
CA ALA B 78 -40.13 -3.88 -25.28
C ALA B 78 -40.63 -5.30 -25.08
N VAL B 79 -40.09 -5.99 -24.08
CA VAL B 79 -40.44 -7.40 -23.87
C VAL B 79 -41.75 -7.52 -23.12
N THR B 80 -41.79 -7.01 -21.88
CA THR B 80 -42.97 -7.12 -21.05
C THR B 80 -43.91 -5.95 -21.29
N GLU B 81 -45.13 -6.06 -20.75
CA GLU B 81 -46.10 -4.98 -20.89
C GLU B 81 -45.72 -3.76 -20.07
N LEU B 82 -44.95 -3.96 -18.99
CA LEU B 82 -44.54 -2.83 -18.16
C LEU B 82 -43.59 -1.90 -18.90
N GLY B 83 -42.67 -2.46 -19.68
CA GLY B 83 -41.69 -1.67 -20.41
C GLY B 83 -42.16 -1.10 -21.73
N ARG B 84 -43.41 -1.34 -22.11
CA ARG B 84 -43.92 -0.78 -23.36
C ARG B 84 -43.89 0.74 -23.39
N PRO B 85 -44.35 1.47 -22.36
CA PRO B 85 -44.21 2.93 -22.40
C PRO B 85 -42.76 3.40 -22.47
N ASP B 86 -41.84 2.67 -21.84
CA ASP B 86 -40.44 3.08 -21.83
C ASP B 86 -39.85 3.07 -23.24
N ALA B 87 -40.16 2.02 -24.02
CA ALA B 87 -39.64 1.94 -25.39
C ALA B 87 -40.20 3.06 -26.25
N GLU B 88 -41.49 3.37 -26.10
CA GLU B 88 -42.12 4.38 -26.94
C GLU B 88 -41.50 5.76 -26.73
N TYR B 89 -41.21 6.11 -25.48
CA TYR B 89 -40.59 7.41 -25.21
C TYR B 89 -39.20 7.50 -25.82
N TRP B 90 -38.44 6.42 -25.76
CA TRP B 90 -37.06 6.45 -26.24
C TRP B 90 -36.96 6.42 -27.76
N ASN B 91 -37.89 5.74 -28.43
CA ASN B 91 -37.91 5.79 -29.89
C ASN B 91 -38.62 7.02 -30.42
N SER B 92 -39.33 7.76 -29.57
CA SER B 92 -39.98 9.00 -30.01
C SER B 92 -38.95 10.02 -30.46
N GLN B 93 -37.84 10.13 -29.73
CA GLN B 93 -36.76 11.05 -30.09
C GLN B 93 -35.79 10.35 -31.03
N LYS B 94 -35.56 10.95 -32.20
CA LYS B 94 -34.65 10.36 -33.17
C LYS B 94 -33.21 10.41 -32.68
N ASP B 95 -32.87 11.38 -31.83
CA ASP B 95 -31.51 11.46 -31.30
C ASP B 95 -31.17 10.24 -30.45
N ILE B 96 -32.11 9.78 -29.63
CA ILE B 96 -31.88 8.60 -28.81
C ILE B 96 -31.64 7.38 -29.69
N LEU B 97 -32.43 7.24 -30.77
CA LEU B 97 -32.23 6.14 -31.69
C LEU B 97 -30.83 6.15 -32.29
N GLU B 98 -30.37 7.33 -32.73
CA GLU B 98 -29.02 7.42 -33.29
C GLU B 98 -27.96 7.08 -32.26
N GLN B 99 -28.14 7.52 -31.02
CA GLN B 99 -27.17 7.21 -29.97
C GLN B 99 -27.08 5.70 -29.74
N ALA B 100 -28.23 5.03 -29.68
CA ALA B 100 -28.23 3.59 -29.49
C ALA B 100 -27.69 2.86 -30.71
N ARG B 101 -28.08 3.31 -31.92
CA ARG B 101 -27.61 2.67 -33.13
C ARG B 101 -26.12 2.90 -33.35
N ALA B 102 -25.62 4.10 -33.03
CA ALA B 102 -24.18 4.35 -33.13
C ALA B 102 -23.39 3.65 -32.03
N ALA B 103 -24.06 3.20 -30.97
CA ALA B 103 -23.39 2.50 -29.88
C ALA B 103 -22.88 1.13 -30.30
N VAL B 104 -23.33 0.60 -31.44
CA VAL B 104 -22.86 -0.73 -31.86
C VAL B 104 -21.36 -0.68 -32.16
N ASP B 105 -20.87 0.43 -32.70
CA ASP B 105 -19.45 0.58 -33.00
C ASP B 105 -18.73 1.57 -32.08
N THR B 106 -19.45 2.58 -31.56
CA THR B 106 -18.81 3.50 -30.63
C THR B 106 -18.61 2.87 -29.26
N TYR B 107 -19.61 2.15 -28.75
CA TYR B 107 -19.52 1.53 -27.44
C TYR B 107 -18.83 0.17 -27.51
N CYS B 108 -19.44 -0.79 -28.20
CA CYS B 108 -18.94 -2.16 -28.17
C CYS B 108 -17.61 -2.29 -28.90
N ARG B 109 -17.52 -1.74 -30.11
CA ARG B 109 -16.35 -1.97 -30.95
C ARG B 109 -15.12 -1.26 -30.37
N HIS B 110 -15.27 0.01 -29.98
CA HIS B 110 -14.14 0.73 -29.41
C HIS B 110 -13.67 0.10 -28.11
N ASN B 111 -14.60 -0.30 -27.24
CA ASN B 111 -14.21 -0.93 -25.99
C ASN B 111 -13.50 -2.24 -26.25
N TYR B 112 -13.87 -2.96 -27.32
CA TYR B 112 -13.20 -4.22 -27.60
C TYR B 112 -11.71 -4.02 -27.80
N GLY B 113 -11.32 -2.99 -28.56
CA GLY B 113 -9.91 -2.70 -28.73
C GLY B 113 -9.23 -2.27 -27.44
N VAL B 114 -9.93 -1.47 -26.63
CA VAL B 114 -9.35 -1.00 -25.38
C VAL B 114 -9.17 -2.15 -24.40
N VAL B 115 -10.16 -3.04 -24.30
CA VAL B 115 -10.14 -4.12 -23.32
C VAL B 115 -9.59 -5.43 -23.91
N GLU B 116 -9.21 -5.45 -25.19
CA GLU B 116 -8.67 -6.67 -25.77
C GLU B 116 -7.36 -7.08 -25.12
N SER B 117 -6.50 -6.12 -24.81
CA SER B 117 -5.10 -6.43 -24.50
C SER B 117 -5.00 -7.30 -23.24
N PHE B 118 -5.93 -7.14 -22.30
CA PHE B 118 -5.84 -7.83 -21.03
C PHE B 118 -7.05 -8.71 -20.72
N THR B 119 -8.06 -8.76 -21.58
CA THR B 119 -9.19 -9.66 -21.38
C THR B 119 -9.35 -10.67 -22.51
N VAL B 120 -9.45 -10.22 -23.76
CA VAL B 120 -9.59 -11.15 -24.87
C VAL B 120 -8.29 -11.90 -25.10
N GLN B 121 -7.17 -11.19 -25.09
CA GLN B 121 -5.85 -11.79 -25.26
C GLN B 121 -5.30 -12.37 -23.96
N ARG B 122 -6.04 -12.23 -22.87
CA ARG B 122 -5.57 -12.72 -21.57
C ARG B 122 -5.49 -14.24 -21.59
N ARG B 123 -4.27 -14.77 -21.44
CA ARG B 123 -4.01 -16.21 -21.45
C ARG B 123 -3.17 -16.52 -20.22
N VAL B 124 -3.82 -16.87 -19.12
CA VAL B 124 -3.10 -17.23 -17.90
C VAL B 124 -3.01 -18.75 -17.81
N GLN B 125 -1.95 -19.23 -17.16
CA GLN B 125 -1.62 -20.64 -17.22
C GLN B 125 -2.61 -21.47 -16.42
N PRO B 126 -3.12 -22.58 -16.97
CA PRO B 126 -4.05 -23.43 -16.22
C PRO B 126 -3.35 -24.38 -15.27
N LYS B 127 -3.07 -23.93 -14.05
CA LYS B 127 -2.46 -24.81 -13.05
C LYS B 127 -3.32 -26.06 -12.86
N VAL B 128 -2.70 -27.23 -12.94
CA VAL B 128 -3.40 -28.50 -12.90
C VAL B 128 -2.81 -29.36 -11.80
N THR B 129 -3.67 -29.90 -10.95
CA THR B 129 -3.29 -30.89 -9.94
C THR B 129 -4.28 -32.04 -9.98
N VAL B 130 -3.77 -33.25 -9.76
CA VAL B 130 -4.58 -34.46 -9.75
C VAL B 130 -4.37 -35.16 -8.42
N TYR B 131 -5.46 -35.38 -7.69
CA TYR B 131 -5.40 -36.04 -6.39
C TYR B 131 -6.53 -37.04 -6.28
N PRO B 132 -6.34 -38.14 -5.56
CA PRO B 132 -7.42 -39.08 -5.32
C PRO B 132 -8.40 -38.55 -4.29
N SER B 133 -9.59 -39.16 -4.28
CA SER B 133 -10.63 -38.77 -3.34
C SER B 133 -11.56 -39.96 -3.12
N LYS B 134 -12.33 -39.89 -2.05
CA LYS B 134 -13.27 -40.94 -1.67
C LYS B 134 -14.69 -40.46 -1.94
N THR B 135 -15.49 -41.31 -2.58
CA THR B 135 -16.88 -40.96 -2.85
C THR B 135 -17.71 -40.92 -1.58
N GLN B 136 -17.38 -41.75 -0.60
CA GLN B 136 -18.11 -41.82 0.66
C GLN B 136 -17.16 -41.68 1.83
N PRO B 137 -17.63 -41.12 2.95
CA PRO B 137 -16.79 -41.03 4.14
C PRO B 137 -16.44 -42.40 4.69
N LEU B 138 -15.29 -42.47 5.36
CA LEU B 138 -14.76 -43.68 5.98
C LEU B 138 -14.43 -44.77 4.98
N GLN B 139 -14.33 -44.45 3.70
CA GLN B 139 -14.01 -45.41 2.64
C GLN B 139 -12.71 -45.01 1.97
N HIS B 140 -12.00 -46.00 1.44
CA HIS B 140 -10.75 -45.74 0.75
C HIS B 140 -11.00 -44.95 -0.54
N HIS B 141 -9.94 -44.31 -1.03
CA HIS B 141 -10.06 -43.46 -2.21
C HIS B 141 -10.52 -44.26 -3.42
N ASN B 142 -11.52 -43.75 -4.12
CA ASN B 142 -12.05 -44.40 -5.30
C ASN B 142 -12.37 -43.42 -6.43
N LEU B 143 -11.94 -42.17 -6.33
CA LEU B 143 -12.20 -41.16 -7.34
C LEU B 143 -10.92 -40.46 -7.72
N LEU B 144 -10.89 -39.93 -8.93
CA LEU B 144 -9.78 -39.11 -9.42
C LEU B 144 -10.33 -37.77 -9.88
N VAL B 145 -9.78 -36.70 -9.32
CA VAL B 145 -10.19 -35.34 -9.65
C VAL B 145 -9.05 -34.65 -10.36
N CYS B 146 -9.28 -34.22 -11.60
CA CYS B 146 -8.30 -33.47 -12.37
C CYS B 146 -8.62 -31.99 -12.17
N SER B 147 -7.94 -31.38 -11.19
CA SER B 147 -8.25 -30.03 -10.75
C SER B 147 -7.56 -29.02 -11.66
N VAL B 148 -8.36 -28.34 -12.48
CA VAL B 148 -7.86 -27.27 -13.34
C VAL B 148 -8.32 -25.97 -12.69
N SER B 149 -7.44 -25.37 -11.89
CA SER B 149 -7.75 -24.18 -11.12
C SER B 149 -6.82 -23.05 -11.49
N GLY B 150 -7.39 -21.88 -11.81
CA GLY B 150 -6.60 -20.68 -12.01
C GLY B 150 -6.26 -20.38 -13.45
N PHE B 151 -7.25 -20.43 -14.34
CA PHE B 151 -7.02 -20.18 -15.75
C PHE B 151 -8.04 -19.17 -16.29
N TYR B 152 -7.78 -18.71 -17.50
CA TYR B 152 -8.63 -17.80 -18.25
C TYR B 152 -8.18 -17.78 -19.70
N PRO B 153 -9.10 -17.85 -20.67
CA PRO B 153 -10.56 -17.92 -20.55
C PRO B 153 -11.07 -19.34 -20.30
N GLY B 154 -12.38 -19.49 -20.16
CA GLY B 154 -12.97 -20.77 -19.79
C GLY B 154 -13.33 -21.66 -20.96
N SER B 155 -12.34 -22.26 -21.60
CA SER B 155 -12.53 -23.20 -22.70
C SER B 155 -11.67 -24.44 -22.49
N ILE B 156 -11.74 -24.99 -21.29
CA ILE B 156 -10.89 -26.13 -20.93
C ILE B 156 -11.45 -27.42 -21.52
N GLU B 157 -10.58 -28.42 -21.64
CA GLU B 157 -10.95 -29.76 -22.06
C GLU B 157 -10.16 -30.76 -21.24
N VAL B 158 -10.84 -31.81 -20.78
CA VAL B 158 -10.24 -32.81 -19.91
C VAL B 158 -10.46 -34.20 -20.50
N ARG B 159 -9.40 -34.99 -20.59
CA ARG B 159 -9.49 -36.36 -21.06
C ARG B 159 -8.48 -37.21 -20.30
N TRP B 160 -8.92 -38.36 -19.81
CA TRP B 160 -8.10 -39.23 -18.99
C TRP B 160 -7.41 -40.30 -19.83
N PHE B 161 -6.38 -40.91 -19.25
CA PHE B 161 -5.63 -41.98 -19.90
C PHE B 161 -5.20 -43.00 -18.87
N LEU B 162 -5.01 -44.24 -19.31
CA LEU B 162 -4.48 -45.31 -18.48
C LEU B 162 -3.43 -46.07 -19.27
N ASN B 163 -2.20 -46.07 -18.78
CA ASN B 163 -1.07 -46.75 -19.43
C ASN B 163 -0.93 -46.30 -20.88
N GLY B 164 -1.15 -45.00 -21.12
CA GLY B 164 -1.09 -44.45 -22.45
C GLY B 164 -2.34 -44.65 -23.28
N GLN B 165 -3.36 -45.30 -22.73
CA GLN B 165 -4.62 -45.55 -23.43
C GLN B 165 -5.71 -44.70 -22.83
N GLU B 166 -6.46 -44.01 -23.68
CA GLU B 166 -7.52 -43.11 -23.21
C GLU B 166 -8.63 -43.90 -22.53
N GLU B 167 -9.12 -43.36 -21.41
CA GLU B 167 -10.23 -43.92 -20.68
C GLU B 167 -11.46 -43.07 -20.87
N LYS B 168 -12.63 -43.71 -20.86
CA LYS B 168 -13.90 -43.06 -21.10
C LYS B 168 -14.82 -43.28 -19.89
N ALA B 169 -16.07 -42.85 -20.03
CA ALA B 169 -17.09 -42.99 -18.99
C ALA B 169 -16.65 -42.34 -17.68
N GLY B 170 -15.86 -41.27 -17.77
CA GLY B 170 -15.41 -40.56 -16.59
C GLY B 170 -15.47 -39.06 -16.77
N MET B 171 -16.41 -38.59 -17.60
CA MET B 171 -16.56 -37.17 -17.92
C MET B 171 -17.57 -36.48 -17.02
N VAL B 172 -17.65 -36.89 -15.75
CA VAL B 172 -18.55 -36.25 -14.80
C VAL B 172 -17.88 -35.01 -14.24
N SER B 173 -18.14 -33.86 -14.87
CA SER B 173 -17.51 -32.60 -14.50
C SER B 173 -18.44 -31.79 -13.62
N THR B 174 -17.83 -31.02 -12.70
CA THR B 174 -18.58 -30.13 -11.82
C THR B 174 -18.88 -28.77 -12.46
N GLY B 175 -18.43 -28.55 -13.69
CA GLY B 175 -18.68 -27.29 -14.36
C GLY B 175 -17.64 -26.23 -14.03
N LEU B 176 -17.61 -25.19 -14.86
CA LEU B 176 -16.66 -24.10 -14.69
C LEU B 176 -17.11 -23.24 -13.50
N ILE B 177 -16.48 -23.45 -12.35
CA ILE B 177 -16.81 -22.70 -11.14
C ILE B 177 -15.99 -21.42 -11.15
N GLN B 178 -16.66 -20.29 -11.31
CA GLN B 178 -15.97 -19.00 -11.39
C GLN B 178 -15.44 -18.62 -10.01
N ASN B 179 -14.17 -18.22 -9.96
CA ASN B 179 -13.55 -17.77 -8.72
C ASN B 179 -13.70 -16.28 -8.47
N GLY B 180 -14.21 -15.53 -9.45
CA GLY B 180 -14.41 -14.10 -9.31
C GLY B 180 -13.17 -13.26 -9.46
N ASP B 181 -11.99 -13.82 -9.24
CA ASP B 181 -10.73 -13.11 -9.43
C ASP B 181 -10.18 -13.32 -10.83
N TRP B 182 -11.05 -13.11 -11.83
CA TRP B 182 -10.71 -13.31 -13.24
C TRP B 182 -10.05 -14.65 -13.48
N THR B 183 -10.54 -15.68 -12.81
CA THR B 183 -10.05 -17.04 -12.96
C THR B 183 -11.22 -18.00 -12.86
N PHE B 184 -11.03 -19.19 -13.41
CA PHE B 184 -12.02 -20.25 -13.38
C PHE B 184 -11.51 -21.44 -12.58
N GLN B 185 -12.37 -22.44 -12.41
CA GLN B 185 -12.04 -23.62 -11.64
C GLN B 185 -12.96 -24.75 -12.06
N THR B 186 -12.41 -25.94 -12.23
CA THR B 186 -13.17 -27.11 -12.66
C THR B 186 -12.59 -28.35 -12.02
N LEU B 187 -13.46 -29.25 -11.58
CA LEU B 187 -13.06 -30.52 -10.97
C LEU B 187 -13.75 -31.66 -11.73
N VAL B 188 -13.10 -32.12 -12.79
CA VAL B 188 -13.61 -33.26 -13.55
C VAL B 188 -13.24 -34.54 -12.81
N MET B 189 -14.23 -35.40 -12.58
CA MET B 189 -14.07 -36.61 -11.77
C MET B 189 -14.26 -37.84 -12.64
N LEU B 190 -13.33 -38.78 -12.53
CA LEU B 190 -13.42 -40.09 -13.16
C LEU B 190 -13.22 -41.15 -12.09
N GLU B 191 -14.11 -42.15 -12.07
CA GLU B 191 -14.10 -43.16 -11.03
C GLU B 191 -13.16 -44.30 -11.40
N THR B 192 -12.23 -44.62 -10.50
CA THR B 192 -11.31 -45.73 -10.68
C THR B 192 -10.76 -46.13 -9.33
N VAL B 193 -10.24 -47.35 -9.26
CA VAL B 193 -9.66 -47.91 -8.05
C VAL B 193 -8.14 -48.01 -8.25
N PRO B 194 -7.33 -47.26 -7.50
CA PRO B 194 -5.88 -47.37 -7.66
C PRO B 194 -5.39 -48.77 -7.32
N ARG B 195 -4.42 -49.25 -8.10
CA ARG B 195 -3.84 -50.56 -7.87
C ARG B 195 -2.32 -50.57 -8.09
N SER B 196 -1.69 -49.40 -8.23
CA SER B 196 -0.25 -49.30 -8.50
C SER B 196 0.14 -50.08 -9.75
N GLY B 197 -0.74 -50.07 -10.75
CA GLY B 197 -0.48 -50.77 -11.99
C GLY B 197 -0.71 -49.91 -13.22
N GLU B 198 -1.33 -48.76 -13.03
CA GLU B 198 -1.65 -47.83 -14.11
C GLU B 198 -0.94 -46.50 -13.87
N VAL B 199 -1.06 -45.60 -14.85
CA VAL B 199 -0.42 -44.30 -14.77
C VAL B 199 -1.40 -43.18 -14.45
N TYR B 200 -2.68 -43.31 -14.80
CA TYR B 200 -3.73 -42.35 -14.44
C TYR B 200 -3.37 -40.94 -14.94
N THR B 201 -3.32 -40.82 -16.27
CA THR B 201 -2.92 -39.59 -16.93
C THR B 201 -4.15 -38.77 -17.29
N CYS B 202 -4.19 -37.53 -16.82
CA CYS B 202 -5.19 -36.55 -17.24
C CYS B 202 -4.53 -35.55 -18.18
N GLN B 203 -5.36 -34.84 -18.94
CA GLN B 203 -4.88 -33.90 -19.94
C GLN B 203 -5.74 -32.66 -19.95
N VAL B 204 -5.15 -31.54 -20.35
CA VAL B 204 -5.81 -30.25 -20.37
C VAL B 204 -5.44 -29.52 -21.66
N GLU B 205 -6.44 -28.96 -22.34
CA GLU B 205 -6.24 -28.23 -23.59
C GLU B 205 -6.86 -26.84 -23.44
N HIS B 206 -6.01 -25.82 -23.38
CA HIS B 206 -6.42 -24.45 -23.16
C HIS B 206 -5.71 -23.55 -24.16
N PRO B 207 -6.33 -22.43 -24.54
CA PRO B 207 -5.67 -21.50 -25.47
C PRO B 207 -4.34 -20.96 -24.97
N SER B 208 -4.17 -20.84 -23.65
CA SER B 208 -2.95 -20.24 -23.10
C SER B 208 -1.71 -21.07 -23.39
N VAL B 209 -1.85 -22.37 -23.60
CA VAL B 209 -0.71 -23.26 -23.86
C VAL B 209 -0.87 -23.86 -25.24
N THR B 210 0.19 -23.77 -26.04
CA THR B 210 0.16 -24.34 -27.39
C THR B 210 0.19 -25.87 -27.38
N SER B 211 0.69 -26.47 -26.31
CA SER B 211 0.78 -27.92 -26.19
C SER B 211 -0.13 -28.40 -25.07
N PRO B 212 -0.94 -29.45 -25.31
CA PRO B 212 -1.79 -29.99 -24.24
C PRO B 212 -1.03 -30.27 -22.94
N LEU B 213 -1.54 -29.72 -21.84
CA LEU B 213 -0.91 -29.90 -20.54
C LEU B 213 -1.29 -31.27 -19.98
N THR B 214 -0.30 -32.11 -19.74
CA THR B 214 -0.53 -33.44 -19.20
C THR B 214 -0.27 -33.45 -17.69
N VAL B 215 -0.71 -34.53 -17.05
CA VAL B 215 -0.48 -34.74 -15.63
C VAL B 215 -0.71 -36.22 -15.33
N GLU B 216 0.16 -36.78 -14.50
CA GLU B 216 0.13 -38.20 -14.18
C GLU B 216 0.14 -38.38 -12.66
N TRP B 217 -0.43 -39.50 -12.21
CA TRP B 217 -0.49 -39.80 -10.79
C TRP B 217 -0.50 -41.30 -10.59
N ARG B 218 0.44 -41.78 -9.77
CA ARG B 218 0.54 -43.19 -9.46
C ARG B 218 0.55 -43.38 -7.94
N ALA B 219 -0.16 -44.40 -7.47
CA ALA B 219 -0.26 -44.68 -6.05
C ALA B 219 1.05 -45.24 -5.52
N LEU C 73 24.90 -46.89 13.49
CA LEU C 73 24.31 -47.59 12.35
C LEU C 73 23.07 -46.85 11.85
N ALA C 74 22.27 -46.33 12.78
CA ALA C 74 21.09 -45.56 12.44
C ALA C 74 21.40 -44.12 12.11
N GLY C 75 22.62 -43.66 12.37
CA GLY C 75 22.96 -42.27 12.12
C GLY C 75 22.79 -41.87 10.66
N GLN C 76 23.14 -42.78 9.74
CA GLN C 76 22.99 -42.49 8.33
C GLN C 76 21.54 -42.23 7.98
N ALA C 77 20.63 -43.08 8.46
CA ALA C 77 19.22 -42.88 8.19
C ALA C 77 18.71 -41.59 8.83
N THR C 78 19.08 -41.33 10.08
CA THR C 78 18.59 -40.14 10.77
C THR C 78 19.09 -38.87 10.08
N THR C 79 20.36 -38.84 9.69
CA THR C 79 20.90 -37.66 9.04
C THR C 79 20.19 -37.39 7.72
N ALA C 80 19.98 -38.43 6.91
CA ALA C 80 19.26 -38.26 5.66
C ALA C 80 17.81 -37.88 5.90
N TYR C 81 17.22 -38.39 6.98
CA TYR C 81 15.85 -38.00 7.32
C TYR C 81 15.78 -36.50 7.61
N PHE C 82 16.71 -35.99 8.40
CA PHE C 82 16.80 -34.55 8.60
C PHE C 82 17.19 -33.84 7.31
N LEU C 83 18.16 -34.43 6.57
CA LEU C 83 18.67 -33.78 5.37
C LEU C 83 17.59 -33.61 4.31
N TYR C 84 16.77 -34.65 4.12
CA TYR C 84 15.77 -34.61 3.06
C TYR C 84 14.74 -33.51 3.30
N GLN C 85 14.14 -33.50 4.48
CA GLN C 85 13.03 -32.58 4.73
C GLN C 85 13.52 -31.14 4.81
N GLN C 86 14.70 -30.92 5.39
CA GLN C 86 15.23 -29.56 5.44
C GLN C 86 15.52 -29.02 4.04
N GLN C 87 16.04 -29.88 3.16
CA GLN C 87 16.34 -29.44 1.80
C GLN C 87 15.06 -29.14 1.04
N GLY C 88 14.06 -30.03 1.14
CA GLY C 88 12.83 -29.84 0.39
C GLY C 88 12.08 -28.59 0.82
N ARG C 89 11.96 -28.38 2.13
CA ARG C 89 11.26 -27.21 2.64
C ARG C 89 12.00 -25.93 2.26
N LEU C 90 13.33 -25.94 2.36
CA LEU C 90 14.10 -24.72 2.16
C LEU C 90 14.10 -24.30 0.69
N ASP C 91 14.08 -25.25 -0.23
CA ASP C 91 14.05 -24.91 -1.65
C ASP C 91 12.80 -24.10 -1.98
N LYS C 92 11.64 -24.60 -1.55
CA LYS C 92 10.40 -23.84 -1.77
C LYS C 92 10.38 -22.58 -0.93
N LEU C 93 11.06 -22.59 0.22
CA LEU C 93 11.10 -21.41 1.08
C LEU C 93 11.94 -20.31 0.46
N THR C 94 13.04 -20.67 -0.19
CA THR C 94 13.86 -19.66 -0.87
C THR C 94 13.08 -19.02 -2.01
N VAL C 95 12.33 -19.82 -2.78
CA VAL C 95 11.58 -19.29 -3.90
C VAL C 95 10.49 -18.35 -3.42
N THR C 96 9.75 -18.75 -2.38
CA THR C 96 8.69 -17.89 -1.88
C THR C 96 9.25 -16.67 -1.16
N SER C 97 10.53 -16.72 -0.81
CA SER C 97 11.17 -15.53 -0.19
C SER C 97 11.59 -14.57 -1.30
N GLN C 98 12.35 -15.08 -2.29
CA GLN C 98 12.83 -14.21 -3.39
C GLN C 98 11.64 -13.57 -4.10
N ASN C 99 10.59 -14.35 -4.38
CA ASN C 99 9.39 -13.82 -5.05
C ASN C 99 8.72 -12.79 -4.12
N LEU C 100 8.71 -13.06 -2.82
CA LEU C 100 8.15 -12.08 -1.84
C LEU C 100 9.02 -10.82 -1.91
N GLN C 101 10.34 -10.97 -1.85
CA GLN C 101 11.24 -9.80 -1.98
C GLN C 101 10.97 -9.13 -3.33
N LEU C 102 10.57 -9.89 -4.34
CA LEU C 102 10.25 -9.28 -5.62
C LEU C 102 8.94 -8.51 -5.55
N GLU C 103 8.01 -8.98 -4.72
CA GLU C 103 6.77 -8.23 -4.52
C GLU C 103 7.05 -6.91 -3.82
N ASN C 104 8.03 -6.87 -2.92
CA ASN C 104 8.40 -5.61 -2.30
C ASN C 104 8.92 -4.61 -3.31
N LEU C 105 9.75 -5.06 -4.26
CA LEU C 105 10.20 -4.17 -5.33
C LEU C 105 9.02 -3.70 -6.17
N ARG C 106 8.07 -4.59 -6.44
CA ARG C 106 6.89 -4.19 -7.19
C ARG C 106 6.02 -3.21 -6.39
N MET C 107 5.92 -3.43 -5.08
CA MET C 107 5.16 -2.51 -4.24
C MET C 107 5.88 -1.18 -4.07
N LYS C 108 7.21 -1.17 -4.21
CA LYS C 108 7.98 0.06 -4.17
C LYS C 108 8.03 0.77 -5.52
N LEU C 109 7.43 0.19 -6.55
CA LEU C 109 7.46 0.80 -7.87
C LEU C 109 6.66 2.10 -7.88
N PRO C 110 6.98 3.02 -8.79
CA PRO C 110 6.40 4.37 -8.73
C PRO C 110 4.94 4.45 -9.18
N LYS C 111 4.24 3.32 -9.27
CA LYS C 111 2.81 3.32 -9.60
C LYS C 111 2.57 3.92 -10.98
N PRO C 112 2.90 3.20 -12.06
CA PRO C 112 2.82 3.76 -13.42
C PRO C 112 1.50 4.46 -13.68
N PRO C 113 1.50 5.46 -14.58
CA PRO C 113 0.34 6.36 -14.66
C PRO C 113 -0.82 5.84 -15.47
N LYS C 114 -1.83 6.69 -15.66
CA LYS C 114 -3.01 6.31 -16.42
C LYS C 114 -2.70 6.37 -17.91
N PRO C 115 -2.86 5.28 -18.66
CA PRO C 115 -2.58 5.32 -20.10
C PRO C 115 -3.59 6.16 -20.86
N VAL C 116 -3.41 6.26 -22.18
CA VAL C 116 -4.35 7.01 -23.01
C VAL C 116 -5.60 6.21 -23.33
N SER C 117 -5.62 4.92 -23.05
CA SER C 117 -6.80 4.11 -23.31
C SER C 117 -7.89 4.44 -22.31
N LYS C 118 -9.09 4.72 -22.81
CA LYS C 118 -10.23 5.11 -21.98
C LYS C 118 -11.43 4.26 -22.37
N MET C 119 -11.82 3.35 -21.47
CA MET C 119 -13.07 2.61 -21.66
C MET C 119 -14.24 3.58 -21.58
N ARG C 120 -15.24 3.36 -22.44
CA ARG C 120 -16.35 4.29 -22.57
C ARG C 120 -17.59 3.75 -21.85
N MET C 121 -18.30 4.65 -21.20
CA MET C 121 -19.51 4.33 -20.45
C MET C 121 -20.71 4.93 -21.16
N ALA C 122 -21.74 4.12 -21.37
CA ALA C 122 -22.97 4.64 -21.96
C ALA C 122 -23.73 5.47 -20.94
N THR C 123 -24.56 6.37 -21.44
CA THR C 123 -25.31 7.29 -20.59
C THR C 123 -26.79 6.91 -20.62
N PRO C 124 -27.30 6.20 -19.62
CA PRO C 124 -28.73 5.88 -19.60
C PRO C 124 -29.55 7.13 -19.36
N LEU C 125 -30.77 7.12 -19.91
CA LEU C 125 -31.70 8.23 -19.77
C LEU C 125 -32.79 7.86 -18.78
N LEU C 126 -33.64 8.84 -18.47
CA LEU C 126 -34.74 8.64 -17.55
C LEU C 126 -35.89 7.93 -18.26
N MET C 127 -36.75 7.29 -17.46
CA MET C 127 -37.94 6.62 -17.96
C MET C 127 -39.10 7.60 -18.07
N GLN C 128 -38.83 8.72 -18.75
CA GLN C 128 -39.79 9.82 -18.89
C GLN C 128 -40.32 10.29 -17.54
N GLU D 28 31.42 21.20 -3.93
CA GLU D 28 30.09 21.05 -3.33
C GLU D 28 29.05 21.86 -4.08
N GLU D 29 29.35 22.18 -5.34
CA GLU D 29 28.39 22.86 -6.20
C GLU D 29 27.21 21.95 -6.51
N HIS D 30 26.01 22.52 -6.48
CA HIS D 30 24.80 21.79 -6.78
C HIS D 30 23.88 22.65 -7.64
N VAL D 31 23.01 21.99 -8.41
CA VAL D 31 22.09 22.64 -9.32
C VAL D 31 20.69 22.15 -9.03
N ILE D 32 19.73 23.08 -8.93
CA ILE D 32 18.31 22.76 -8.80
C ILE D 32 17.60 23.30 -10.03
N ILE D 33 16.92 22.42 -10.76
CA ILE D 33 16.25 22.77 -12.00
C ILE D 33 14.77 22.46 -11.87
N GLN D 34 13.98 22.99 -12.79
CA GLN D 34 12.53 22.81 -12.81
C GLN D 34 12.10 22.57 -14.26
N ALA D 35 11.67 21.36 -14.56
CA ALA D 35 11.27 20.97 -15.91
C ALA D 35 9.75 20.96 -15.99
N GLU D 36 9.21 21.68 -16.96
CA GLU D 36 7.76 21.86 -17.10
C GLU D 36 7.34 21.72 -18.56
N PHE D 37 7.85 20.70 -19.24
CA PHE D 37 7.63 20.60 -20.68
C PHE D 37 6.19 20.23 -21.00
N TYR D 38 5.75 20.65 -22.18
CA TYR D 38 4.44 20.29 -22.71
C TYR D 38 4.56 20.18 -24.22
N LEU D 39 3.99 19.11 -24.78
CA LEU D 39 4.13 18.80 -26.20
C LEU D 39 2.81 18.96 -26.94
N ASN D 40 2.90 19.32 -28.21
CA ASN D 40 1.74 19.49 -29.07
C ASN D 40 2.09 19.11 -30.50
N PRO D 41 1.28 18.29 -31.16
CA PRO D 41 0.08 17.65 -30.62
C PRO D 41 0.39 16.32 -29.93
N ASP D 42 0.38 16.32 -28.60
CA ASP D 42 0.32 15.08 -27.83
C ASP D 42 -0.51 15.20 -26.58
N GLN D 43 -0.87 16.41 -26.14
CA GLN D 43 -1.59 16.66 -24.90
C GLN D 43 -0.89 16.00 -23.71
N SER D 44 0.43 16.14 -23.66
CA SER D 44 1.25 15.56 -22.59
C SER D 44 2.14 16.64 -21.99
N GLY D 45 2.08 16.79 -20.67
CA GLY D 45 2.97 17.67 -19.96
C GLY D 45 3.32 17.09 -18.61
N GLU D 46 4.47 17.52 -18.09
CA GLU D 46 4.98 17.00 -16.83
C GLU D 46 5.57 18.13 -15.99
N PHE D 47 6.03 17.76 -14.80
CA PHE D 47 6.64 18.70 -13.86
C PHE D 47 7.55 17.91 -12.94
N MET D 48 8.70 18.50 -12.61
CA MET D 48 9.65 17.83 -11.74
C MET D 48 10.66 18.84 -11.22
N PHE D 49 11.39 18.42 -10.18
CA PHE D 49 12.51 19.17 -9.64
C PHE D 49 13.77 18.35 -9.83
N ASP D 50 14.78 18.94 -10.48
CA ASP D 50 16.01 18.25 -10.83
C ASP D 50 17.11 18.69 -9.88
N PHE D 51 17.74 17.73 -9.20
CA PHE D 51 18.84 18.00 -8.28
C PHE D 51 20.03 17.15 -8.74
N ASP D 52 20.93 17.77 -9.49
CA ASP D 52 22.10 17.09 -10.07
C ASP D 52 21.66 15.90 -10.92
N GLY D 53 20.70 16.14 -11.81
CA GLY D 53 20.19 15.12 -12.72
C GLY D 53 19.07 14.26 -12.15
N ASP D 54 19.17 13.91 -10.87
CA ASP D 54 18.13 13.10 -10.24
C ASP D 54 16.87 13.94 -10.03
N GLU D 55 15.78 13.25 -9.70
CA GLU D 55 14.45 13.85 -9.61
C GLU D 55 14.01 13.88 -8.15
N ILE D 56 13.74 15.08 -7.63
CA ILE D 56 13.24 15.19 -6.27
C ILE D 56 11.82 14.63 -6.18
N PHE D 57 10.96 15.04 -7.09
CA PHE D 57 9.58 14.57 -7.14
C PHE D 57 9.00 14.97 -8.50
N HIS D 58 7.75 14.56 -8.74
CA HIS D 58 7.07 14.91 -9.96
C HIS D 58 5.57 14.93 -9.70
N VAL D 59 4.90 15.96 -10.21
CA VAL D 59 3.48 16.16 -9.98
C VAL D 59 2.72 15.46 -11.10
N ASP D 60 2.11 14.33 -10.79
CA ASP D 60 1.32 13.58 -11.77
C ASP D 60 0.05 14.35 -12.07
N MET D 61 -0.14 14.71 -13.35
CA MET D 61 -1.32 15.46 -13.74
C MET D 61 -2.59 14.66 -13.54
N ALA D 62 -2.54 13.35 -13.85
CA ALA D 62 -3.73 12.52 -13.74
C ALA D 62 -4.23 12.43 -12.31
N LYS D 63 -3.34 12.06 -11.37
CA LYS D 63 -3.73 11.90 -9.99
C LYS D 63 -3.70 13.20 -9.19
N LYS D 64 -3.12 14.27 -9.75
CA LYS D 64 -2.99 15.55 -9.06
C LYS D 64 -2.33 15.36 -7.70
N GLU D 65 -1.21 14.63 -7.69
CA GLU D 65 -0.51 14.27 -6.48
C GLU D 65 0.98 14.58 -6.62
N THR D 66 1.60 14.93 -5.50
CA THR D 66 3.04 15.18 -5.46
C THR D 66 3.74 13.85 -5.22
N VAL D 67 4.00 13.13 -6.32
CA VAL D 67 4.63 11.82 -6.25
C VAL D 67 6.12 12.01 -6.04
N TRP D 68 6.59 11.77 -4.82
CA TRP D 68 8.01 11.88 -4.52
C TRP D 68 8.75 10.69 -5.10
N ARG D 69 9.93 10.94 -5.66
CA ARG D 69 10.73 9.86 -6.24
C ARG D 69 11.07 8.83 -5.17
N LEU D 70 11.45 9.29 -3.99
CA LEU D 70 11.57 8.45 -2.82
C LEU D 70 10.55 8.92 -1.80
N GLU D 71 9.76 7.99 -1.27
CA GLU D 71 8.74 8.35 -0.29
C GLU D 71 9.34 8.94 0.98
N GLU D 72 10.63 8.70 1.22
CA GLU D 72 11.28 9.29 2.38
C GLU D 72 11.34 10.81 2.31
N PHE D 73 11.20 11.34 1.08
CA PHE D 73 11.24 12.81 0.88
C PHE D 73 9.91 13.41 1.33
N GLY D 74 8.82 12.65 1.17
CA GLY D 74 7.50 13.13 1.63
C GLY D 74 7.47 13.27 3.13
N ARG D 75 8.25 12.46 3.84
CA ARG D 75 8.33 12.56 5.33
C ARG D 75 9.34 13.65 5.69
N PHE D 76 9.93 14.30 4.69
CA PHE D 76 10.98 15.32 4.97
C PHE D 76 10.56 16.68 4.41
N ALA D 77 9.78 16.68 3.32
CA ALA D 77 9.39 17.96 2.68
C ALA D 77 7.94 17.88 2.18
N SER D 78 7.47 18.92 1.47
CA SER D 78 6.10 18.95 0.99
C SER D 78 6.04 19.83 -0.25
N PHE D 79 4.96 19.69 -1.01
CA PHE D 79 4.75 20.47 -2.21
C PHE D 79 3.28 20.50 -2.53
N GLU D 80 2.83 21.63 -3.09
CA GLU D 80 1.43 21.83 -3.46
C GLU D 80 1.26 21.49 -4.93
N ALA D 81 0.63 20.34 -5.20
CA ALA D 81 0.55 19.82 -6.56
C ALA D 81 -0.32 20.69 -7.47
N GLN D 82 -1.35 21.34 -6.92
CA GLN D 82 -2.24 22.12 -7.77
C GLN D 82 -1.51 23.30 -8.41
N GLY D 83 -0.48 23.82 -7.73
CA GLY D 83 0.30 24.91 -8.30
C GLY D 83 1.02 24.50 -9.57
N ALA D 84 1.54 23.27 -9.60
CA ALA D 84 2.25 22.79 -10.79
C ALA D 84 1.33 22.70 -11.99
N LEU D 85 0.09 22.25 -11.77
CA LEU D 85 -0.85 22.12 -12.88
C LEU D 85 -1.17 23.48 -13.50
N ALA D 86 -1.14 24.54 -12.69
CA ALA D 86 -1.32 25.88 -13.22
C ALA D 86 -0.19 26.25 -14.17
N ASN D 87 1.05 25.89 -13.82
CA ASN D 87 2.18 26.19 -14.69
C ASN D 87 2.06 25.46 -16.02
N ILE D 88 1.71 24.18 -15.99
CA ILE D 88 1.62 23.40 -17.22
C ILE D 88 0.55 23.97 -18.15
N ALA D 89 -0.54 24.47 -17.56
CA ALA D 89 -1.54 25.17 -18.36
C ALA D 89 -0.94 26.42 -19.00
N VAL D 90 -0.13 27.16 -18.24
CA VAL D 90 0.56 28.33 -18.80
C VAL D 90 1.61 27.88 -19.82
N ASP D 91 2.31 26.79 -19.53
CA ASP D 91 3.29 26.26 -20.47
C ASP D 91 2.62 25.83 -21.77
N LYS D 92 1.45 25.20 -21.68
CA LYS D 92 0.68 24.88 -22.87
C LYS D 92 0.30 26.12 -23.65
N ALA D 93 -0.11 27.18 -22.94
CA ALA D 93 -0.50 28.42 -23.60
C ALA D 93 0.67 29.06 -24.33
N ASN D 94 1.85 29.10 -23.68
CA ASN D 94 3.01 29.70 -24.32
C ASN D 94 3.42 28.93 -25.57
N LEU D 95 3.38 27.59 -25.50
CA LEU D 95 3.73 26.78 -26.66
C LEU D 95 2.81 27.08 -27.83
N GLU D 96 1.52 27.25 -27.56
CA GLU D 96 0.60 27.68 -28.61
C GLU D 96 0.97 29.06 -29.13
N ILE D 97 1.34 29.97 -28.22
CA ILE D 97 1.79 31.29 -28.65
C ILE D 97 3.08 31.19 -29.46
N MET D 98 4.03 30.37 -29.02
CA MET D 98 5.27 30.21 -29.75
C MET D 98 5.03 29.53 -31.10
N THR D 99 4.10 28.58 -31.15
CA THR D 99 3.84 27.86 -32.39
C THR D 99 3.36 28.81 -33.48
N LYS D 100 2.46 29.73 -33.14
CA LYS D 100 2.01 30.72 -34.12
C LYS D 100 3.14 31.65 -34.52
N ARG D 101 3.99 32.03 -33.57
CA ARG D 101 5.11 32.91 -33.85
C ARG D 101 6.25 32.21 -34.60
N SER D 102 6.39 30.90 -34.44
CA SER D 102 7.46 30.16 -35.07
C SER D 102 7.09 29.63 -36.46
N ASN D 103 5.91 29.96 -36.96
CA ASN D 103 5.43 29.54 -38.28
C ASN D 103 5.41 28.02 -38.41
N TYR D 104 5.10 27.33 -37.30
CA TYR D 104 4.94 25.88 -37.27
C TYR D 104 6.22 25.17 -37.74
N THR D 105 7.30 25.42 -37.00
CA THR D 105 8.50 24.68 -37.34
C THR D 105 8.58 23.39 -36.52
N PRO D 106 8.98 22.28 -37.13
CA PRO D 106 9.00 21.00 -36.43
C PRO D 106 10.25 20.85 -35.56
N ILE D 107 10.41 19.66 -35.01
CA ILE D 107 11.51 19.33 -34.11
C ILE D 107 12.31 18.18 -34.73
N THR D 108 13.62 18.34 -34.78
CA THR D 108 14.48 17.25 -35.22
C THR D 108 14.43 16.12 -34.20
N ASN D 109 13.78 15.02 -34.58
CA ASN D 109 13.56 13.90 -33.67
C ASN D 109 14.87 13.14 -33.51
N VAL D 110 15.60 13.45 -32.45
CA VAL D 110 16.88 12.80 -32.19
C VAL D 110 16.65 11.32 -31.89
N PRO D 111 17.47 10.42 -32.40
CA PRO D 111 17.31 9.00 -32.08
C PRO D 111 17.62 8.72 -30.63
N PRO D 112 16.72 8.02 -29.93
CA PRO D 112 16.96 7.71 -28.51
C PRO D 112 17.95 6.57 -28.30
N GLU D 113 19.24 6.89 -28.20
CA GLU D 113 20.22 5.89 -27.80
C GLU D 113 19.76 5.18 -26.53
N VAL D 114 19.66 3.86 -26.59
CA VAL D 114 19.09 3.04 -25.53
C VAL D 114 20.16 2.11 -25.00
N THR D 115 20.31 2.08 -23.68
CA THR D 115 21.21 1.16 -23.00
C THR D 115 20.41 0.42 -21.94
N VAL D 116 20.52 -0.91 -21.92
CA VAL D 116 19.83 -1.74 -20.96
C VAL D 116 20.82 -2.13 -19.87
N LEU D 117 20.51 -1.78 -18.63
CA LEU D 117 21.35 -2.02 -17.48
C LEU D 117 20.50 -2.54 -16.32
N THR D 118 21.16 -2.84 -15.21
CA THR D 118 20.50 -3.30 -14.00
C THR D 118 20.92 -2.43 -12.83
N ASN D 119 20.02 -2.28 -11.86
CA ASN D 119 20.30 -1.43 -10.70
C ASN D 119 21.48 -1.95 -9.89
N SER D 120 21.64 -3.26 -9.81
CA SER D 120 22.73 -3.91 -9.11
C SER D 120 23.28 -5.03 -9.97
N PRO D 121 24.52 -5.54 -9.78
CA PRO D 121 24.99 -6.69 -10.57
C PRO D 121 23.92 -7.79 -10.58
N VAL D 122 23.47 -8.20 -11.77
CA VAL D 122 22.40 -9.24 -11.88
C VAL D 122 22.75 -10.43 -10.99
N GLU D 123 21.85 -10.79 -10.07
CA GLU D 123 22.08 -11.97 -9.19
C GLU D 123 21.02 -13.02 -9.50
N LEU D 124 21.44 -14.20 -9.99
CA LEU D 124 20.47 -15.25 -10.40
C LEU D 124 19.41 -15.45 -9.32
N ARG D 125 18.13 -15.46 -9.71
CA ARG D 125 17.02 -15.71 -8.75
C ARG D 125 17.06 -14.69 -7.60
N GLU D 126 17.66 -13.52 -7.81
CA GLU D 126 17.64 -12.47 -6.76
C GLU D 126 17.07 -11.20 -7.38
N PRO D 127 15.87 -10.74 -6.96
CA PRO D 127 15.20 -9.60 -7.59
C PRO D 127 16.09 -8.41 -7.99
N ASN D 128 15.96 -7.93 -9.24
CA ASN D 128 16.74 -6.75 -9.71
C ASN D 128 15.77 -5.84 -10.48
N VAL D 129 16.14 -4.58 -10.74
CA VAL D 129 15.25 -3.73 -11.52
C VAL D 129 15.98 -3.43 -12.84
N LEU D 130 15.74 -4.21 -13.91
CA LEU D 130 16.25 -3.81 -15.22
C LEU D 130 15.94 -2.35 -15.47
N ILE D 131 16.91 -1.63 -16.01
CA ILE D 131 16.78 -0.21 -16.27
C ILE D 131 17.06 0.02 -17.75
N CYS D 132 16.05 0.50 -18.48
CA CYS D 132 16.19 0.82 -19.89
C CYS D 132 16.40 2.33 -20.02
N PHE D 133 17.59 2.74 -20.43
CA PHE D 133 17.99 4.14 -20.43
C PHE D 133 17.69 4.73 -21.79
N ILE D 134 16.47 5.25 -21.95
CA ILE D 134 16.08 5.96 -23.17
C ILE D 134 16.71 7.34 -23.08
N ASP D 135 17.83 7.54 -23.78
CA ASP D 135 18.69 8.70 -23.58
C ASP D 135 18.84 9.48 -24.88
N LYS D 136 18.95 10.81 -24.74
CA LYS D 136 19.21 11.72 -25.85
C LYS D 136 18.13 11.61 -26.93
N PHE D 137 16.91 12.01 -26.54
CA PHE D 137 15.79 11.99 -27.46
C PHE D 137 14.89 13.19 -27.24
N THR D 138 14.14 13.53 -28.30
CA THR D 138 13.10 14.55 -28.29
C THR D 138 12.21 14.28 -29.49
N PRO D 139 10.89 14.50 -29.41
CA PRO D 139 10.09 14.94 -28.26
C PRO D 139 9.97 13.89 -27.17
N PRO D 140 9.70 14.29 -25.92
CA PRO D 140 9.63 13.34 -24.81
C PRO D 140 8.33 12.55 -24.79
N VAL D 141 8.06 11.84 -25.88
CA VAL D 141 6.96 10.89 -25.96
C VAL D 141 7.49 9.65 -26.67
N VAL D 142 7.63 8.55 -25.95
CA VAL D 142 8.20 7.33 -26.49
C VAL D 142 7.32 6.15 -26.10
N ASN D 143 7.39 5.08 -26.90
CA ASN D 143 6.67 3.84 -26.64
C ASN D 143 7.69 2.78 -26.22
N VAL D 144 7.75 2.52 -24.91
CA VAL D 144 8.68 1.55 -24.35
C VAL D 144 7.87 0.37 -23.83
N THR D 145 8.23 -0.83 -24.28
CA THR D 145 7.56 -2.05 -23.88
C THR D 145 8.60 -3.10 -23.56
N TRP D 146 8.45 -3.76 -22.41
CA TRP D 146 9.36 -4.83 -22.02
C TRP D 146 8.86 -6.15 -22.60
N LEU D 147 9.74 -6.85 -23.31
CA LEU D 147 9.41 -8.11 -23.95
C LEU D 147 10.19 -9.22 -23.28
N ARG D 148 9.50 -10.07 -22.52
CA ARG D 148 10.10 -11.26 -21.94
C ARG D 148 9.80 -12.44 -22.85
N ASN D 149 10.85 -13.02 -23.42
CA ASN D 149 10.72 -14.11 -24.39
C ASN D 149 9.84 -13.72 -25.56
N GLY D 150 9.94 -12.46 -25.98
CA GLY D 150 9.23 -11.98 -27.14
C GLY D 150 7.80 -11.55 -26.91
N LYS D 151 7.29 -11.65 -25.69
CA LYS D 151 5.91 -11.26 -25.43
C LYS D 151 5.87 -10.03 -24.53
N PRO D 152 4.87 -9.17 -24.71
CA PRO D 152 4.79 -7.95 -23.91
C PRO D 152 4.61 -8.25 -22.43
N VAL D 153 5.18 -7.38 -21.60
CA VAL D 153 5.07 -7.47 -20.14
C VAL D 153 4.44 -6.17 -19.66
N THR D 154 3.26 -6.28 -19.06
CA THR D 154 2.51 -5.14 -18.55
C THR D 154 2.01 -5.40 -17.13
N THR D 155 2.82 -6.09 -16.34
CA THR D 155 2.48 -6.40 -14.95
C THR D 155 3.71 -6.16 -14.09
N GLY D 156 3.69 -5.07 -13.33
CA GLY D 156 4.81 -4.75 -12.45
C GLY D 156 5.94 -4.02 -13.15
N VAL D 157 5.57 -3.15 -14.09
CA VAL D 157 6.59 -2.47 -14.93
C VAL D 157 6.45 -0.97 -14.71
N SER D 158 7.52 -0.31 -14.26
CA SER D 158 7.39 1.13 -13.94
C SER D 158 8.28 1.97 -14.85
N GLU D 159 8.03 3.29 -14.87
CA GLU D 159 8.83 4.21 -15.72
C GLU D 159 8.97 5.53 -14.95
N THR D 160 10.12 6.19 -15.07
CA THR D 160 10.27 7.52 -14.43
C THR D 160 9.84 8.61 -15.42
N VAL D 161 9.39 9.76 -14.91
CA VAL D 161 9.04 10.87 -15.76
C VAL D 161 10.26 11.29 -16.58
N PHE D 162 9.99 11.91 -17.73
CA PHE D 162 11.04 12.33 -18.65
C PHE D 162 11.96 13.33 -17.97
N LEU D 163 13.20 12.90 -17.68
CA LEU D 163 14.23 13.65 -16.95
C LEU D 163 15.08 14.47 -17.90
N PRO D 164 15.52 15.65 -17.49
CA PRO D 164 16.24 16.55 -18.38
C PRO D 164 17.75 16.31 -18.37
N ARG D 165 18.42 16.96 -19.33
CA ARG D 165 19.88 16.88 -19.45
C ARG D 165 20.45 18.26 -19.75
N GLU D 166 21.78 18.34 -19.72
CA GLU D 166 22.45 19.62 -19.92
C GLU D 166 22.18 20.19 -21.30
N ASP D 167 22.20 19.34 -22.33
CA ASP D 167 21.93 19.76 -23.69
C ASP D 167 20.47 19.62 -24.06
N HIS D 168 19.59 19.40 -23.08
CA HIS D 168 18.14 19.47 -23.24
C HIS D 168 17.61 18.34 -24.13
N LEU D 169 18.17 17.15 -23.93
CA LEU D 169 17.64 15.92 -24.50
C LEU D 169 17.20 15.03 -23.35
N PHE D 170 15.97 14.56 -23.40
CA PHE D 170 15.38 13.93 -22.23
C PHE D 170 15.99 12.56 -21.97
N ARG D 171 15.94 12.16 -20.71
CA ARG D 171 16.23 10.81 -20.25
C ARG D 171 14.95 10.17 -19.77
N LYS D 172 14.96 8.84 -19.71
CA LYS D 172 13.82 8.12 -19.17
C LYS D 172 14.29 6.73 -18.76
N PHE D 173 13.93 6.32 -17.56
CA PHE D 173 14.27 5.01 -17.04
C PHE D 173 13.02 4.17 -16.92
N HIS D 174 13.10 2.93 -17.38
CA HIS D 174 12.01 1.97 -17.22
C HIS D 174 12.46 0.86 -16.30
N TYR D 175 11.66 0.58 -15.28
CA TYR D 175 12.02 -0.34 -14.22
C TYR D 175 11.14 -1.58 -14.32
N LEU D 176 11.77 -2.74 -14.40
CA LEU D 176 11.08 -4.02 -14.44
C LEU D 176 11.63 -4.89 -13.31
N PRO D 177 11.01 -4.87 -12.13
CA PRO D 177 11.46 -5.77 -11.06
C PRO D 177 11.28 -7.22 -11.47
N PHE D 178 12.39 -7.91 -11.65
CA PHE D 178 12.38 -9.26 -12.21
C PHE D 178 13.21 -10.19 -11.35
N LEU D 179 12.81 -11.46 -11.35
CA LEU D 179 13.64 -12.51 -10.79
C LEU D 179 14.53 -13.03 -11.90
N PRO D 180 15.84 -12.82 -11.84
CA PRO D 180 16.70 -13.17 -12.99
C PRO D 180 16.65 -14.66 -13.31
N SER D 181 16.68 -14.96 -14.60
CA SER D 181 16.67 -16.34 -15.06
C SER D 181 17.28 -16.40 -16.45
N THR D 182 18.04 -17.46 -16.71
CA THR D 182 18.62 -17.63 -18.04
C THR D 182 17.57 -18.01 -19.06
N GLU D 183 16.45 -18.60 -18.61
CA GLU D 183 15.41 -19.02 -19.55
C GLU D 183 14.73 -17.83 -20.22
N ASP D 184 14.68 -16.69 -19.54
CA ASP D 184 13.99 -15.51 -20.06
C ASP D 184 14.99 -14.51 -20.61
N VAL D 185 14.67 -13.97 -21.78
CA VAL D 185 15.46 -12.93 -22.43
C VAL D 185 14.59 -11.69 -22.55
N TYR D 186 15.05 -10.58 -21.98
CA TYR D 186 14.27 -9.36 -21.91
C TYR D 186 14.64 -8.42 -23.04
N ASP D 187 13.72 -7.50 -23.35
CA ASP D 187 13.91 -6.53 -24.42
C ASP D 187 13.24 -5.23 -24.02
N CYS D 188 13.70 -4.13 -24.65
CA CYS D 188 13.14 -2.81 -24.44
C CYS D 188 12.86 -2.20 -25.80
N ARG D 189 11.67 -2.49 -26.33
CA ARG D 189 11.27 -1.92 -27.62
C ARG D 189 11.02 -0.43 -27.44
N VAL D 190 11.75 0.39 -28.20
CA VAL D 190 11.73 1.84 -28.05
C VAL D 190 11.28 2.41 -29.38
N GLU D 191 10.02 2.82 -29.45
CA GLU D 191 9.43 3.37 -30.67
C GLU D 191 9.46 4.89 -30.57
N HIS D 192 10.37 5.52 -31.31
CA HIS D 192 10.45 6.96 -31.37
C HIS D 192 10.43 7.42 -32.82
N TRP D 193 9.80 8.57 -33.05
CA TRP D 193 9.61 9.05 -34.41
C TRP D 193 10.95 9.33 -35.10
N GLY D 194 12.01 9.55 -34.33
CA GLY D 194 13.32 9.70 -34.93
C GLY D 194 13.88 8.41 -35.50
N LEU D 195 13.34 7.27 -35.06
CA LEU D 195 13.79 5.97 -35.52
C LEU D 195 12.90 5.50 -36.65
N ASP D 196 13.51 5.21 -37.81
CA ASP D 196 12.75 4.62 -38.90
C ASP D 196 12.24 3.24 -38.53
N GLU D 197 13.11 2.41 -37.96
CA GLU D 197 12.75 1.08 -37.49
C GLU D 197 12.80 1.03 -35.96
N PRO D 198 11.95 0.21 -35.34
CA PRO D 198 11.96 0.14 -33.87
C PRO D 198 13.29 -0.37 -33.33
N LEU D 199 13.74 0.22 -32.24
CA LEU D 199 14.93 -0.26 -31.56
C LEU D 199 14.59 -1.42 -30.65
N LEU D 200 15.48 -2.42 -30.63
CA LEU D 200 15.29 -3.61 -29.81
C LEU D 200 16.62 -3.91 -29.13
N LYS D 201 16.81 -3.37 -27.94
CA LYS D 201 17.96 -3.72 -27.12
C LYS D 201 17.65 -4.95 -26.29
N HIS D 202 18.71 -5.69 -25.96
CA HIS D 202 18.57 -7.03 -25.39
C HIS D 202 19.32 -7.13 -24.08
N TRP D 203 18.81 -7.96 -23.19
CA TRP D 203 19.49 -8.30 -21.95
C TRP D 203 19.38 -9.79 -21.70
N GLU D 204 20.43 -10.35 -21.10
CA GLU D 204 20.43 -11.76 -20.72
C GLU D 204 21.38 -11.94 -19.55
N PHE D 205 21.07 -12.92 -18.70
CA PHE D 205 21.86 -13.14 -17.49
C PHE D 205 23.21 -13.72 -17.85
N ASP D 206 24.27 -12.96 -17.60
CA ASP D 206 25.65 -13.40 -17.83
C ASP D 206 26.52 -12.70 -16.79
N ALA D 207 26.86 -13.42 -15.73
CA ALA D 207 27.70 -12.85 -14.67
C ALA D 207 28.51 -13.95 -13.98
N THR E 32 3.15 10.46 -37.19
CA THR E 32 4.36 11.24 -37.49
C THR E 32 4.00 12.62 -38.00
N ARG E 33 3.68 13.53 -37.09
CA ARG E 33 3.34 14.91 -37.39
C ARG E 33 4.37 15.85 -36.76
N PRO E 34 4.49 17.07 -37.28
CA PRO E 34 5.41 18.04 -36.64
C PRO E 34 5.00 18.32 -35.21
N ARG E 35 5.99 18.48 -34.35
CA ARG E 35 5.79 18.64 -32.91
C ARG E 35 6.25 20.02 -32.48
N PHE E 36 5.90 20.37 -31.24
CA PHE E 36 6.32 21.62 -30.62
C PHE E 36 6.52 21.38 -29.14
N LEU E 37 7.69 21.77 -28.63
CA LEU E 37 8.09 21.46 -27.26
C LEU E 37 8.51 22.74 -26.54
N TRP E 38 7.99 22.93 -25.32
CA TRP E 38 8.30 24.11 -24.52
C TRP E 38 8.67 23.64 -23.11
N GLN E 39 9.96 23.50 -22.85
CA GLN E 39 10.46 23.02 -21.57
C GLN E 39 11.29 24.09 -20.87
N PRO E 40 10.72 24.80 -19.90
CA PRO E 40 11.53 25.71 -19.08
C PRO E 40 12.55 24.93 -18.25
N LYS E 41 13.68 25.57 -17.98
CA LYS E 41 14.73 25.01 -17.13
C LYS E 41 15.18 26.12 -16.17
N ARG E 42 14.57 26.16 -15.00
CA ARG E 42 14.91 27.16 -13.99
C ARG E 42 16.02 26.60 -13.12
N GLU E 43 17.26 26.92 -13.48
CA GLU E 43 18.44 26.38 -12.80
C GLU E 43 18.84 27.26 -11.61
N CYS E 44 19.40 26.61 -10.59
CA CYS E 44 19.85 27.28 -9.37
C CYS E 44 21.24 26.77 -9.04
N HIS E 45 22.26 27.57 -9.32
CA HIS E 45 23.65 27.21 -9.09
C HIS E 45 24.15 27.93 -7.84
N PHE E 46 24.37 27.18 -6.76
CA PHE E 46 24.99 27.75 -5.56
C PHE E 46 26.27 27.00 -5.24
N PHE E 47 27.32 27.75 -4.91
CA PHE E 47 28.65 27.22 -4.64
C PHE E 47 28.99 27.40 -3.17
N ASN E 48 29.61 26.37 -2.58
CA ASN E 48 30.00 26.35 -1.17
C ASN E 48 28.79 26.65 -0.28
N GLY E 49 27.81 25.75 -0.38
CA GLY E 49 26.55 25.96 0.30
C GLY E 49 25.74 27.05 -0.36
N THR E 50 25.64 28.21 0.30
CA THR E 50 24.92 29.35 -0.23
C THR E 50 25.75 30.63 -0.14
N GLU E 51 27.08 30.49 -0.16
CA GLU E 51 27.94 31.67 -0.13
C GLU E 51 27.74 32.53 -1.39
N ARG E 52 27.64 31.88 -2.55
CA ARG E 52 27.38 32.57 -3.81
C ARG E 52 26.36 31.75 -4.58
N VAL E 53 25.21 32.36 -4.89
CA VAL E 53 24.10 31.69 -5.55
C VAL E 53 23.91 32.28 -6.93
N ARG E 54 23.82 31.41 -7.94
CA ARG E 54 23.59 31.80 -9.33
C ARG E 54 22.26 31.23 -9.77
N PHE E 55 21.38 32.09 -10.26
CA PHE E 55 20.03 31.70 -10.69
C PHE E 55 19.97 31.84 -12.21
N LEU E 56 20.17 30.72 -12.91
CA LEU E 56 20.11 30.68 -14.37
C LEU E 56 18.71 30.25 -14.78
N ASP E 57 17.93 31.18 -15.32
CA ASP E 57 16.56 30.92 -15.72
C ASP E 57 16.55 30.66 -17.24
N ARG E 58 16.41 29.40 -17.61
CA ARG E 58 16.45 28.97 -19.01
C ARG E 58 15.06 28.55 -19.47
N TYR E 59 14.60 29.14 -20.56
CA TYR E 59 13.37 28.73 -21.24
C TYR E 59 13.79 28.20 -22.61
N PHE E 60 13.84 26.88 -22.76
CA PHE E 60 14.33 26.25 -23.96
C PHE E 60 13.17 25.75 -24.82
N TYR E 61 13.23 26.07 -26.11
CA TYR E 61 12.19 25.69 -27.07
C TYR E 61 12.81 24.82 -28.14
N ASN E 62 12.32 23.58 -28.25
CA ASN E 62 12.78 22.62 -29.26
C ASN E 62 14.30 22.43 -29.20
N GLN E 63 14.79 22.17 -27.99
CA GLN E 63 16.22 21.97 -27.71
C GLN E 63 17.04 23.21 -28.07
N GLU E 64 16.43 24.39 -28.09
CA GLU E 64 17.14 25.64 -28.28
C GLU E 64 16.62 26.68 -27.29
N GLU E 65 17.54 27.47 -26.75
CA GLU E 65 17.18 28.45 -25.73
C GLU E 65 16.43 29.63 -26.32
N SER E 66 15.59 30.25 -25.49
CA SER E 66 14.89 31.47 -25.85
C SER E 66 15.34 32.65 -24.98
N VAL E 67 15.26 32.51 -23.66
CA VAL E 67 15.78 33.52 -22.74
C VAL E 67 16.67 32.81 -21.73
N ARG E 68 17.63 33.56 -21.19
CA ARG E 68 18.61 33.01 -20.26
C ARG E 68 18.81 33.96 -19.08
N PHE E 69 17.70 34.40 -18.47
CA PHE E 69 17.77 35.27 -17.30
C PHE E 69 18.71 34.68 -16.26
N ASP E 70 19.78 35.39 -15.97
CA ASP E 70 20.81 34.92 -15.05
C ASP E 70 21.01 35.93 -13.94
N SER E 71 21.27 35.43 -12.74
CA SER E 71 21.52 36.32 -11.60
C SER E 71 22.91 36.92 -11.66
N ASP E 72 23.89 36.19 -12.19
CA ASP E 72 25.22 36.77 -12.37
C ASP E 72 25.17 38.00 -13.26
N VAL E 73 24.48 37.91 -14.39
CA VAL E 73 24.29 39.07 -15.24
C VAL E 73 23.28 40.03 -14.64
N GLY E 74 22.17 39.50 -14.13
CA GLY E 74 21.09 40.29 -13.57
C GLY E 74 20.16 40.86 -14.61
N GLU E 75 20.72 41.41 -15.69
CA GLU E 75 19.91 41.94 -16.78
C GLU E 75 19.26 40.80 -17.56
N PHE E 76 18.06 41.06 -18.06
CA PHE E 76 17.32 40.09 -18.85
C PHE E 76 17.89 40.04 -20.26
N ARG E 77 18.35 38.86 -20.68
CA ARG E 77 18.97 38.66 -21.98
C ARG E 77 18.20 37.60 -22.77
N ALA E 78 18.66 37.35 -23.99
CA ALA E 78 18.11 36.31 -24.84
C ALA E 78 19.23 35.74 -25.70
N VAL E 79 19.28 34.41 -25.82
CA VAL E 79 20.37 33.76 -26.54
C VAL E 79 20.13 33.79 -28.04
N THR E 80 19.05 33.16 -28.49
CA THR E 80 18.75 33.08 -29.91
C THR E 80 17.91 34.27 -30.35
N GLU E 81 17.77 34.42 -31.67
CA GLU E 81 16.97 35.50 -32.20
C GLU E 81 15.49 35.29 -31.95
N LEU E 82 15.05 34.04 -31.82
CA LEU E 82 13.65 33.76 -31.55
C LEU E 82 13.21 34.27 -30.18
N GLY E 83 14.07 34.13 -29.16
CA GLY E 83 13.73 34.56 -27.82
C GLY E 83 13.95 36.02 -27.52
N ARG E 84 14.41 36.80 -28.50
CA ARG E 84 14.61 38.23 -28.28
C ARG E 84 13.32 38.95 -27.88
N PRO E 85 12.19 38.77 -28.56
CA PRO E 85 10.95 39.43 -28.08
C PRO E 85 10.55 38.99 -26.69
N ASP E 86 10.80 37.73 -26.33
CA ASP E 86 10.40 37.23 -25.02
C ASP E 86 11.12 37.97 -23.89
N ALA E 87 12.43 38.19 -24.06
CA ALA E 87 13.19 38.90 -23.04
C ALA E 87 12.72 40.34 -22.89
N GLU E 88 12.42 41.01 -24.01
CA GLU E 88 12.03 42.41 -23.96
C GLU E 88 10.73 42.60 -23.20
N TYR E 89 9.76 41.71 -23.40
CA TYR E 89 8.49 41.83 -22.69
C TYR E 89 8.67 41.64 -21.19
N TRP E 90 9.55 40.71 -20.80
CA TRP E 90 9.71 40.39 -19.39
C TRP E 90 10.54 41.45 -18.65
N ASN E 91 11.50 42.07 -19.31
CA ASN E 91 12.22 43.17 -18.69
C ASN E 91 11.48 44.50 -18.79
N SER E 92 10.43 44.57 -19.61
CA SER E 92 9.64 45.79 -19.70
C SER E 92 8.96 46.11 -18.37
N GLN E 93 8.44 45.08 -17.69
CA GLN E 93 7.80 45.25 -16.40
C GLN E 93 8.86 45.13 -15.30
N LYS E 94 8.96 46.16 -14.45
CA LYS E 94 9.94 46.14 -13.37
C LYS E 94 9.58 45.10 -12.31
N ASP E 95 8.29 44.77 -12.17
CA ASP E 95 7.90 43.75 -11.21
C ASP E 95 8.48 42.39 -11.55
N ILE E 96 8.48 42.03 -12.84
CA ILE E 96 9.04 40.75 -13.26
C ILE E 96 10.53 40.71 -12.95
N LEU E 97 11.24 41.82 -13.20
CA LEU E 97 12.66 41.88 -12.88
C LEU E 97 12.90 41.64 -11.40
N GLU E 98 12.12 42.28 -10.53
CA GLU E 98 12.29 42.08 -9.09
C GLU E 98 12.00 40.65 -8.71
N GLN E 99 10.97 40.03 -9.30
CA GLN E 99 10.65 38.64 -8.98
C GLN E 99 11.81 37.72 -9.35
N ALA E 100 12.40 37.92 -10.52
CA ALA E 100 13.53 37.09 -10.94
C ALA E 100 14.76 37.39 -10.10
N ARG E 101 15.02 38.66 -9.82
CA ARG E 101 16.20 39.02 -9.02
C ARG E 101 16.05 38.55 -7.58
N ALA E 102 14.85 38.64 -7.01
CA ALA E 102 14.64 38.13 -5.66
C ALA E 102 14.61 36.61 -5.62
N ALA E 103 14.46 35.95 -6.76
CA ALA E 103 14.47 34.50 -6.81
C ALA E 103 15.84 33.90 -6.49
N VAL E 104 16.91 34.70 -6.51
CA VAL E 104 18.23 34.15 -6.22
C VAL E 104 18.30 33.66 -4.78
N ASP E 105 17.62 34.33 -3.86
CA ASP E 105 17.59 33.93 -2.46
C ASP E 105 16.24 33.38 -2.00
N THR E 106 15.14 33.83 -2.63
CA THR E 106 13.83 33.27 -2.26
C THR E 106 13.65 31.87 -2.83
N TYR E 107 14.04 31.65 -4.09
CA TYR E 107 13.87 30.34 -4.72
C TYR E 107 15.04 29.42 -4.40
N CYS E 108 16.24 29.77 -4.86
CA CYS E 108 17.38 28.85 -4.75
C CYS E 108 17.81 28.67 -3.30
N ARG E 109 17.98 29.77 -2.57
CA ARG E 109 18.57 29.71 -1.24
C ARG E 109 17.63 29.02 -0.25
N HIS E 110 16.35 29.40 -0.27
CA HIS E 110 15.38 28.78 0.64
C HIS E 110 15.21 27.30 0.34
N ASN E 111 15.13 26.94 -0.94
CA ASN E 111 15.01 25.53 -1.30
C ASN E 111 16.23 24.73 -0.86
N TYR E 112 17.41 25.37 -0.88
CA TYR E 112 18.61 24.66 -0.46
C TYR E 112 18.48 24.16 0.97
N GLY E 113 17.99 25.01 1.87
CA GLY E 113 17.79 24.59 3.24
C GLY E 113 16.73 23.51 3.36
N VAL E 114 15.63 23.64 2.59
CA VAL E 114 14.57 22.66 2.65
C VAL E 114 15.02 21.31 2.12
N VAL E 115 15.76 21.30 1.01
CA VAL E 115 16.17 20.07 0.36
C VAL E 115 17.55 19.60 0.79
N GLU E 116 18.23 20.35 1.67
CA GLU E 116 19.56 19.93 2.12
C GLU E 116 19.52 18.62 2.89
N SER E 117 18.50 18.43 3.73
CA SER E 117 18.55 17.36 4.73
C SER E 117 18.63 15.98 4.08
N PHE E 118 18.03 15.82 2.89
CA PHE E 118 17.96 14.53 2.25
C PHE E 118 18.58 14.47 0.87
N THR E 119 19.12 15.58 0.36
CA THR E 119 19.81 15.55 -0.93
C THR E 119 21.27 15.98 -0.81
N VAL E 120 21.55 17.16 -0.25
CA VAL E 120 22.93 17.60 -0.10
C VAL E 120 23.64 16.78 0.96
N GLN E 121 22.99 16.56 2.09
CA GLN E 121 23.54 15.75 3.18
C GLN E 121 23.33 14.26 2.96
N ARG E 122 22.67 13.87 1.87
CA ARG E 122 22.39 12.47 1.60
C ARG E 122 23.69 11.72 1.34
N ARG E 123 24.01 10.78 2.21
CA ARG E 123 25.23 9.97 2.10
C ARG E 123 24.81 8.50 2.23
N VAL E 124 24.56 7.86 1.11
CA VAL E 124 24.20 6.44 1.12
C VAL E 124 25.44 5.62 0.82
N GLN E 125 25.48 4.40 1.35
CA GLN E 125 26.70 3.60 1.33
C GLN E 125 27.01 3.11 -0.07
N PRO E 126 28.26 3.24 -0.52
CA PRO E 126 28.63 2.75 -1.85
C PRO E 126 28.91 1.25 -1.87
N LYS E 127 27.88 0.43 -2.06
CA LYS E 127 28.08 -1.01 -2.17
C LYS E 127 29.07 -1.32 -3.29
N VAL E 128 30.08 -2.12 -2.99
CA VAL E 128 31.18 -2.40 -3.90
C VAL E 128 31.30 -3.91 -4.06
N THR E 129 31.35 -4.36 -5.31
CA THR E 129 31.65 -5.75 -5.64
C THR E 129 32.69 -5.79 -6.75
N VAL E 130 33.58 -6.77 -6.68
CA VAL E 130 34.64 -6.95 -7.66
C VAL E 130 34.53 -8.37 -8.22
N TYR E 131 34.37 -8.47 -9.53
CA TYR E 131 34.25 -9.76 -10.20
C TYR E 131 35.08 -9.75 -11.47
N PRO E 132 35.62 -10.91 -11.86
CA PRO E 132 36.34 -10.99 -13.13
C PRO E 132 35.39 -11.01 -14.32
N SER E 133 35.94 -10.73 -15.48
CA SER E 133 35.16 -10.72 -16.71
C SER E 133 36.09 -10.99 -17.88
N LYS E 134 35.49 -11.36 -19.01
CA LYS E 134 36.22 -11.67 -20.23
C LYS E 134 36.02 -10.55 -21.24
N THR E 135 37.11 -10.09 -21.86
CA THR E 135 37.01 -9.05 -22.88
C THR E 135 36.33 -9.55 -24.14
N GLN E 136 36.50 -10.83 -24.47
CA GLN E 136 35.94 -11.42 -25.66
C GLN E 136 35.17 -12.68 -25.31
N PRO E 137 34.12 -13.00 -26.08
CA PRO E 137 33.38 -14.24 -25.84
C PRO E 137 34.25 -15.47 -26.10
N LEU E 138 33.92 -16.55 -25.39
CA LEU E 138 34.60 -17.84 -25.48
C LEU E 138 36.05 -17.78 -25.01
N GLN E 139 36.44 -16.74 -24.29
CA GLN E 139 37.79 -16.59 -23.79
C GLN E 139 37.76 -16.54 -22.26
N HIS E 140 38.86 -16.96 -21.64
CA HIS E 140 38.95 -16.94 -20.19
C HIS E 140 38.96 -15.51 -19.67
N HIS E 141 38.64 -15.37 -18.39
CA HIS E 141 38.53 -14.05 -17.78
C HIS E 141 39.87 -13.32 -17.85
N ASN E 142 39.84 -12.06 -18.29
CA ASN E 142 41.05 -11.25 -18.39
C ASN E 142 40.80 -9.82 -17.95
N LEU E 143 39.68 -9.50 -17.34
CA LEU E 143 39.35 -8.16 -16.90
C LEU E 143 38.91 -8.18 -15.44
N LEU E 144 39.09 -7.05 -14.77
CA LEU E 144 38.61 -6.85 -13.41
C LEU E 144 37.74 -5.62 -13.37
N VAL E 145 36.51 -5.78 -12.90
CA VAL E 145 35.54 -4.70 -12.81
C VAL E 145 35.28 -4.41 -11.34
N CYS E 146 35.58 -3.19 -10.90
CA CYS E 146 35.30 -2.74 -9.54
C CYS E 146 33.95 -2.05 -9.56
N SER E 147 32.89 -2.80 -9.26
CA SER E 147 31.53 -2.33 -9.41
C SER E 147 31.12 -1.52 -8.19
N VAL E 148 31.00 -0.21 -8.36
CA VAL E 148 30.53 0.68 -7.31
C VAL E 148 29.10 1.05 -7.70
N SER E 149 28.14 0.32 -7.13
CA SER E 149 26.73 0.47 -7.47
C SER E 149 25.92 0.82 -6.23
N GLY E 150 25.13 1.88 -6.33
CA GLY E 150 24.19 2.21 -5.28
C GLY E 150 24.66 3.25 -4.28
N PHE E 151 25.21 4.36 -4.77
CA PHE E 151 25.73 5.40 -3.91
C PHE E 151 25.19 6.76 -4.33
N TYR E 152 25.43 7.74 -3.46
CA TYR E 152 25.07 9.14 -3.67
C TYR E 152 25.80 9.99 -2.64
N PRO E 153 26.41 11.12 -3.04
CA PRO E 153 26.45 11.71 -4.38
C PRO E 153 27.56 11.11 -5.26
N GLY E 154 27.66 11.57 -6.50
CA GLY E 154 28.57 10.99 -7.46
C GLY E 154 29.96 11.61 -7.48
N SER E 155 30.77 11.29 -6.47
CA SER E 155 32.15 11.76 -6.38
C SER E 155 33.07 10.60 -6.00
N ILE E 156 32.91 9.48 -6.71
CA ILE E 156 33.65 8.27 -6.39
C ILE E 156 35.08 8.36 -6.92
N GLU E 157 35.96 7.55 -6.33
CA GLU E 157 37.34 7.40 -6.78
C GLU E 157 37.72 5.94 -6.68
N VAL E 158 38.41 5.44 -7.71
CA VAL E 158 38.77 4.03 -7.80
C VAL E 158 40.26 3.93 -8.06
N ARG E 159 40.95 3.08 -7.27
CA ARG E 159 42.37 2.83 -7.46
C ARG E 159 42.66 1.37 -7.10
N TRP E 160 43.39 0.70 -7.98
CA TRP E 160 43.67 -0.73 -7.80
C TRP E 160 45.00 -0.95 -7.10
N PHE E 161 45.17 -2.17 -6.59
CA PHE E 161 46.38 -2.56 -5.89
C PHE E 161 46.70 -4.03 -6.21
N LEU E 162 47.98 -4.37 -6.14
CA LEU E 162 48.43 -5.74 -6.28
C LEU E 162 49.47 -6.04 -5.20
N ASN E 163 49.16 -7.01 -4.33
CA ASN E 163 50.04 -7.40 -3.23
C ASN E 163 50.41 -6.19 -2.36
N GLY E 164 49.44 -5.30 -2.16
CA GLY E 164 49.67 -4.09 -1.41
C GLY E 164 50.31 -2.97 -2.18
N GLN E 165 50.61 -3.18 -3.46
CA GLN E 165 51.25 -2.18 -4.31
C GLN E 165 50.24 -1.67 -5.33
N GLU E 166 50.13 -0.35 -5.44
CA GLU E 166 49.16 0.24 -6.36
C GLU E 166 49.51 -0.09 -7.81
N GLU E 167 48.49 -0.41 -8.59
CA GLU E 167 48.63 -0.67 -10.02
C GLU E 167 48.04 0.48 -10.81
N LYS E 168 48.64 0.75 -11.97
CA LYS E 168 48.25 1.85 -12.83
C LYS E 168 47.84 1.31 -14.20
N ALA E 169 47.59 2.23 -15.13
CA ALA E 169 47.20 1.90 -16.50
C ALA E 169 45.95 1.03 -16.55
N GLY E 170 45.06 1.22 -15.57
CA GLY E 170 43.82 0.48 -15.53
C GLY E 170 42.63 1.35 -15.15
N MET E 171 42.71 2.64 -15.51
CA MET E 171 41.68 3.61 -15.17
C MET E 171 40.65 3.77 -16.28
N VAL E 172 40.34 2.70 -17.00
CA VAL E 172 39.34 2.74 -18.05
C VAL E 172 37.96 2.60 -17.42
N SER E 173 37.33 3.72 -17.12
CA SER E 173 36.03 3.73 -16.45
C SER E 173 34.90 3.93 -17.45
N THR E 174 33.75 3.34 -17.13
CA THR E 174 32.56 3.48 -17.96
C THR E 174 31.76 4.73 -17.63
N GLY E 175 32.19 5.52 -16.66
CA GLY E 175 31.48 6.73 -16.29
C GLY E 175 30.37 6.47 -15.29
N LEU E 176 29.92 7.55 -14.65
CA LEU E 176 28.86 7.48 -13.66
C LEU E 176 27.53 7.25 -14.36
N ILE E 177 27.08 5.99 -14.37
CA ILE E 177 25.82 5.62 -15.00
C ILE E 177 24.71 5.84 -13.99
N GLN E 178 23.85 6.82 -14.26
CA GLN E 178 22.77 7.15 -13.33
C GLN E 178 21.70 6.06 -13.37
N ASN E 179 21.29 5.59 -12.20
CA ASN E 179 20.23 4.59 -12.10
C ASN E 179 18.84 5.20 -11.99
N GLY E 180 18.73 6.52 -11.84
CA GLY E 180 17.46 7.18 -11.74
C GLY E 180 16.78 7.08 -10.40
N ASP E 181 17.10 6.07 -9.60
CA ASP E 181 16.53 5.93 -8.25
C ASP E 181 17.43 6.59 -7.21
N TRP E 182 17.81 7.84 -7.49
CA TRP E 182 18.69 8.62 -6.63
C TRP E 182 19.95 7.83 -6.25
N THR E 183 20.49 7.09 -7.22
CA THR E 183 21.71 6.32 -7.03
C THR E 183 22.52 6.37 -8.32
N PHE E 184 23.81 6.11 -8.19
CA PHE E 184 24.74 6.08 -9.31
C PHE E 184 25.30 4.67 -9.48
N GLN E 185 26.09 4.50 -10.53
CA GLN E 185 26.69 3.21 -10.84
C GLN E 185 27.90 3.44 -11.73
N THR E 186 28.99 2.73 -11.45
CA THR E 186 30.23 2.86 -12.19
C THR E 186 30.93 1.52 -12.25
N LEU E 187 31.50 1.20 -13.41
CA LEU E 187 32.24 -0.04 -13.61
C LEU E 187 33.63 0.32 -14.14
N VAL E 188 34.56 0.55 -13.22
CA VAL E 188 35.95 0.81 -13.59
C VAL E 188 36.63 -0.51 -13.90
N MET E 189 37.28 -0.60 -15.06
CA MET E 189 37.87 -1.83 -15.54
C MET E 189 39.39 -1.70 -15.62
N LEU E 190 40.09 -2.68 -15.07
CA LEU E 190 41.54 -2.79 -15.18
C LEU E 190 41.88 -4.17 -15.70
N GLU E 191 42.75 -4.22 -16.72
CA GLU E 191 43.06 -5.47 -17.40
C GLU E 191 44.19 -6.19 -16.68
N THR E 192 43.95 -7.46 -16.34
CA THR E 192 44.96 -8.31 -15.72
C THR E 192 44.57 -9.77 -15.91
N VAL E 193 45.56 -10.64 -15.77
CA VAL E 193 45.37 -12.08 -15.92
C VAL E 193 45.50 -12.71 -14.54
N PRO E 194 44.44 -13.30 -13.99
CA PRO E 194 44.57 -13.95 -12.67
C PRO E 194 45.56 -15.11 -12.72
N ARG E 195 46.34 -15.24 -11.64
CA ARG E 195 47.31 -16.32 -11.53
C ARG E 195 47.37 -16.90 -10.13
N SER E 196 46.44 -16.56 -9.24
CA SER E 196 46.43 -17.01 -7.85
C SER E 196 47.74 -16.66 -7.15
N GLY E 197 48.29 -15.50 -7.48
CA GLY E 197 49.52 -15.04 -6.88
C GLY E 197 49.45 -13.62 -6.34
N GLU E 198 48.38 -12.91 -6.69
CA GLU E 198 48.19 -11.53 -6.29
C GLU E 198 46.90 -11.42 -5.47
N VAL E 199 46.65 -10.21 -4.95
CA VAL E 199 45.48 -9.97 -4.12
C VAL E 199 44.39 -9.20 -4.86
N TYR E 200 44.73 -8.38 -5.85
CA TYR E 200 43.77 -7.67 -6.70
C TYR E 200 42.82 -6.81 -5.85
N THR E 201 43.42 -5.81 -5.20
CA THR E 201 42.70 -4.94 -4.28
C THR E 201 42.24 -3.69 -5.01
N CYS E 202 40.94 -3.43 -4.97
CA CYS E 202 40.36 -2.16 -5.42
C CYS E 202 39.98 -1.32 -4.21
N GLN E 203 39.81 -0.02 -4.44
CA GLN E 203 39.52 0.92 -3.37
C GLN E 203 38.49 1.94 -3.84
N VAL E 204 37.74 2.47 -2.89
CA VAL E 204 36.66 3.42 -3.16
C VAL E 204 36.71 4.52 -2.11
N GLU E 205 36.64 5.77 -2.56
CA GLU E 205 36.66 6.93 -1.66
C GLU E 205 35.43 7.79 -1.95
N HIS E 206 34.50 7.81 -1.01
CA HIS E 206 33.23 8.51 -1.14
C HIS E 206 32.96 9.31 0.11
N PRO E 207 32.23 10.43 0.00
CA PRO E 207 31.91 11.22 1.20
C PRO E 207 31.13 10.46 2.26
N SER E 208 30.33 9.46 1.87
CA SER E 208 29.49 8.75 2.82
C SER E 208 30.30 7.96 3.84
N VAL E 209 31.53 7.57 3.51
CA VAL E 209 32.36 6.78 4.41
C VAL E 209 33.61 7.58 4.73
N THR E 210 33.92 7.68 6.03
CA THR E 210 35.10 8.42 6.45
C THR E 210 36.39 7.68 6.12
N SER E 211 36.33 6.36 5.96
CA SER E 211 37.49 5.55 5.65
C SER E 211 37.36 4.95 4.26
N PRO E 212 38.40 5.01 3.42
CA PRO E 212 38.33 4.40 2.08
C PRO E 212 37.86 2.95 2.11
N LEU E 213 36.83 2.65 1.33
CA LEU E 213 36.28 1.30 1.26
C LEU E 213 37.16 0.44 0.37
N THR E 214 37.72 -0.63 0.93
CA THR E 214 38.58 -1.54 0.21
C THR E 214 37.79 -2.77 -0.23
N VAL E 215 38.38 -3.53 -1.14
CA VAL E 215 37.80 -4.79 -1.61
C VAL E 215 38.91 -5.60 -2.27
N GLU E 216 38.92 -6.90 -2.00
CA GLU E 216 39.96 -7.79 -2.50
C GLU E 216 39.32 -8.99 -3.19
N TRP E 217 40.05 -9.57 -4.14
CA TRP E 217 39.56 -10.71 -4.88
C TRP E 217 40.73 -11.58 -5.32
N ARG E 218 40.69 -12.86 -4.97
CA ARG E 218 41.71 -13.82 -5.34
C ARG E 218 41.08 -15.01 -6.03
N ALA E 219 41.73 -15.48 -7.09
CA ALA E 219 41.22 -16.61 -7.86
C ALA E 219 41.36 -17.91 -7.08
N LEU F 73 31.90 -44.29 5.05
CA LEU F 73 33.11 -43.51 4.87
C LEU F 73 32.79 -42.18 4.18
N ALA F 74 31.90 -42.23 3.20
CA ALA F 74 31.47 -41.03 2.49
C ALA F 74 30.40 -40.26 3.24
N GLY F 75 29.82 -40.83 4.30
CA GLY F 75 28.76 -40.16 5.02
C GLY F 75 29.20 -38.82 5.60
N GLN F 76 30.43 -38.75 6.09
CA GLN F 76 30.94 -37.50 6.66
C GLN F 76 30.96 -36.41 5.59
N ALA F 77 31.46 -36.73 4.40
CA ALA F 77 31.48 -35.74 3.33
C ALA F 77 30.08 -35.34 2.91
N THR F 78 29.18 -36.32 2.74
CA THR F 78 27.83 -36.01 2.29
C THR F 78 27.09 -35.16 3.31
N THR F 79 27.22 -35.48 4.60
CA THR F 79 26.54 -34.70 5.63
C THR F 79 27.03 -33.27 5.64
N ALA F 80 28.35 -33.06 5.58
CA ALA F 80 28.89 -31.72 5.53
C ALA F 80 28.49 -31.00 4.24
N TYR F 81 28.38 -31.74 3.15
CA TYR F 81 27.92 -31.14 1.90
C TYR F 81 26.50 -30.62 2.04
N PHE F 82 25.61 -31.41 2.64
CA PHE F 82 24.27 -30.91 2.96
C PHE F 82 24.34 -29.83 4.03
N LEU F 83 25.18 -30.03 5.05
CA LEU F 83 25.24 -29.10 6.17
C LEU F 83 25.71 -27.71 5.72
N TYR F 84 26.71 -27.66 4.85
CA TYR F 84 27.28 -26.37 4.45
C TYR F 84 26.25 -25.53 3.71
N GLN F 85 25.64 -26.09 2.67
CA GLN F 85 24.78 -25.29 1.81
C GLN F 85 23.49 -24.91 2.53
N GLN F 86 22.95 -25.80 3.37
CA GLN F 86 21.76 -25.47 4.11
C GLN F 86 22.02 -24.34 5.09
N GLN F 87 23.19 -24.34 5.74
CA GLN F 87 23.52 -23.29 6.68
C GLN F 87 23.71 -21.95 5.96
N GLY F 88 24.45 -21.97 4.86
CA GLY F 88 24.72 -20.72 4.16
C GLY F 88 23.47 -20.09 3.60
N ARG F 89 22.61 -20.89 2.97
CA ARG F 89 21.38 -20.36 2.41
C ARG F 89 20.46 -19.83 3.52
N LEU F 90 20.36 -20.57 4.62
CA LEU F 90 19.40 -20.21 5.67
C LEU F 90 19.81 -18.94 6.40
N ASP F 91 21.11 -18.71 6.56
CA ASP F 91 21.56 -17.50 7.24
C ASP F 91 21.11 -16.25 6.48
N LYS F 92 21.33 -16.23 5.16
CA LYS F 92 20.85 -15.12 4.35
C LYS F 92 19.33 -15.12 4.26
N LEU F 93 18.73 -16.31 4.35
CA LEU F 93 17.27 -16.39 4.28
C LEU F 93 16.62 -15.82 5.53
N THR F 94 17.23 -16.06 6.70
CA THR F 94 16.70 -15.49 7.93
C THR F 94 16.78 -13.97 7.91
N VAL F 95 17.89 -13.42 7.40
CA VAL F 95 18.06 -11.98 7.35
C VAL F 95 17.04 -11.35 6.41
N THR F 96 16.87 -11.94 5.22
CA THR F 96 15.91 -11.37 4.28
C THR F 96 14.48 -11.60 4.73
N SER F 97 14.29 -12.51 5.68
CA SER F 97 12.93 -12.72 6.25
C SER F 97 12.69 -11.65 7.32
N GLN F 98 13.59 -11.53 8.28
CA GLN F 98 13.43 -10.55 9.39
C GLN F 98 13.29 -9.15 8.81
N ASN F 99 14.15 -8.81 7.84
CA ASN F 99 14.09 -7.47 7.20
C ASN F 99 12.75 -7.34 6.45
N LEU F 100 12.30 -8.41 5.81
CA LEU F 100 10.98 -8.38 5.14
C LEU F 100 9.89 -8.17 6.20
N GLN F 101 9.96 -8.92 7.30
CA GLN F 101 8.99 -8.72 8.41
C GLN F 101 9.14 -7.29 8.91
N LEU F 102 10.34 -6.71 8.81
CA LEU F 102 10.49 -5.33 9.24
C LEU F 102 9.85 -4.38 8.24
N GLU F 103 9.85 -4.74 6.97
CA GLU F 103 9.16 -3.94 5.97
C GLU F 103 7.65 -3.95 6.22
N ASN F 104 7.11 -5.07 6.69
CA ASN F 104 5.69 -5.12 7.03
C ASN F 104 5.36 -4.15 8.15
N LEU F 105 6.21 -4.08 9.17
CA LEU F 105 6.01 -3.10 10.24
C LEU F 105 6.08 -1.68 9.70
N ARG F 106 7.03 -1.43 8.78
CA ARG F 106 7.12 -0.12 8.16
C ARG F 106 5.90 0.18 7.29
N MET F 107 5.40 -0.84 6.57
CA MET F 107 4.20 -0.64 5.77
C MET F 107 2.96 -0.49 6.63
N LYS F 108 2.98 -1.04 7.85
CA LYS F 108 1.88 -0.86 8.78
C LYS F 108 1.99 0.44 9.57
N LEU F 109 3.04 1.22 9.37
CA LEU F 109 3.22 2.46 10.11
C LEU F 109 2.13 3.47 9.72
N PRO F 110 1.83 4.41 10.60
CA PRO F 110 0.67 5.30 10.37
C PRO F 110 0.88 6.37 9.32
N LYS F 111 1.92 6.25 8.48
CA LYS F 111 2.16 7.19 7.39
C LYS F 111 2.37 8.61 7.92
N PRO F 112 3.53 8.89 8.50
CA PRO F 112 3.78 10.19 9.16
C PRO F 112 3.37 11.37 8.28
N PRO F 113 3.00 12.50 8.89
CA PRO F 113 2.30 13.55 8.14
C PRO F 113 3.23 14.46 7.35
N LYS F 114 2.64 15.50 6.76
CA LYS F 114 3.41 16.46 5.96
C LYS F 114 4.12 17.43 6.89
N PRO F 115 5.45 17.53 6.83
CA PRO F 115 6.17 18.47 7.71
C PRO F 115 5.88 19.92 7.36
N VAL F 116 6.49 20.84 8.11
CA VAL F 116 6.32 22.26 7.83
C VAL F 116 7.20 22.74 6.69
N SER F 117 8.16 21.93 6.26
CA SER F 117 9.04 22.31 5.16
C SER F 117 8.26 22.27 3.85
N LYS F 118 8.34 23.36 3.09
CA LYS F 118 7.62 23.49 1.82
C LYS F 118 8.59 23.96 0.75
N MET F 119 8.91 23.07 -0.19
CA MET F 119 9.67 23.47 -1.36
C MET F 119 8.86 24.44 -2.21
N ARG F 120 9.53 25.46 -2.74
CA ARG F 120 8.86 26.54 -3.44
C ARG F 120 8.98 26.36 -4.95
N MET F 121 7.89 26.66 -5.66
CA MET F 121 7.82 26.56 -7.10
C MET F 121 7.73 27.95 -7.71
N ALA F 122 8.57 28.22 -8.69
CA ALA F 122 8.48 29.50 -9.39
C ALA F 122 7.26 29.51 -10.30
N THR F 123 6.79 30.72 -10.60
CA THR F 123 5.60 30.90 -11.42
C THR F 123 5.99 31.47 -12.77
N PRO F 124 6.08 30.65 -13.81
CA PRO F 124 6.40 31.19 -15.15
C PRO F 124 5.24 32.01 -15.68
N LEU F 125 5.59 33.00 -16.50
CA LEU F 125 4.60 33.88 -17.11
C LEU F 125 4.44 33.51 -18.59
N LEU F 126 3.48 34.16 -19.23
CA LEU F 126 3.21 33.94 -20.64
C LEU F 126 4.22 34.68 -21.50
N MET F 127 4.38 34.21 -22.74
CA MET F 127 5.27 34.85 -23.70
C MET F 127 4.52 35.97 -24.45
N GLN F 128 3.92 36.85 -23.67
CA GLN F 128 3.09 37.95 -24.18
C GLN F 128 2.01 37.44 -25.12
N GLU G 28 -17.20 -2.50 33.91
CA GLU G 28 -17.35 -2.35 32.45
C GLU G 28 -17.61 -0.91 32.07
N GLU G 29 -17.22 0.02 32.95
CA GLU G 29 -17.32 1.44 32.64
C GLU G 29 -16.34 1.81 31.54
N HIS G 30 -16.79 2.66 30.62
CA HIS G 30 -15.95 3.13 29.52
C HIS G 30 -16.20 4.61 29.30
N VAL G 31 -15.20 5.28 28.73
CA VAL G 31 -15.25 6.72 28.47
C VAL G 31 -14.92 6.97 27.01
N ILE G 32 -15.72 7.79 26.35
CA ILE G 32 -15.46 8.24 24.99
C ILE G 32 -15.26 9.75 25.02
N ILE G 33 -14.09 10.20 24.55
CA ILE G 33 -13.72 11.61 24.59
C ILE G 33 -13.46 12.09 23.16
N GLN G 34 -13.40 13.41 23.02
CA GLN G 34 -13.18 14.05 21.73
C GLN G 34 -12.21 15.20 21.93
N ALA G 35 -10.98 15.06 21.40
CA ALA G 35 -9.94 16.05 21.55
C ALA G 35 -9.82 16.86 20.27
N GLU G 36 -9.91 18.18 20.38
CA GLU G 36 -9.92 19.07 19.22
C GLU G 36 -9.03 20.28 19.46
N PHE G 37 -7.83 20.05 19.97
CA PHE G 37 -6.98 21.15 20.38
C PHE G 37 -6.42 21.92 19.19
N TYR G 38 -6.15 23.21 19.41
CA TYR G 38 -5.52 24.07 18.42
C TYR G 38 -4.63 25.06 19.17
N LEU G 39 -3.42 25.24 18.67
CA LEU G 39 -2.40 26.05 19.34
C LEU G 39 -2.11 27.31 18.54
N ASN G 40 -1.75 28.38 19.27
CA ASN G 40 -1.39 29.65 18.67
C ASN G 40 -0.33 30.35 19.52
N PRO G 41 0.74 30.84 18.90
CA PRO G 41 1.05 30.74 17.48
C PRO G 41 1.80 29.45 17.15
N ASP G 42 1.11 28.48 16.55
CA ASP G 42 1.76 27.36 15.88
C ASP G 42 1.03 26.91 14.64
N GLN G 43 -0.22 27.34 14.42
CA GLN G 43 -1.05 26.90 13.30
C GLN G 43 -1.15 25.37 13.24
N SER G 44 -1.34 24.75 14.41
CA SER G 44 -1.44 23.30 14.51
C SER G 44 -2.70 22.94 15.28
N GLY G 45 -3.52 22.08 14.67
CA GLY G 45 -4.68 21.54 15.35
C GLY G 45 -4.91 20.10 14.93
N GLU G 46 -5.60 19.36 15.80
CA GLU G 46 -5.83 17.94 15.57
C GLU G 46 -7.25 17.58 15.97
N PHE G 47 -7.59 16.30 15.79
CA PHE G 47 -8.90 15.76 16.11
C PHE G 47 -8.75 14.27 16.32
N MET G 48 -9.46 13.74 17.32
CA MET G 48 -9.39 12.32 17.61
C MET G 48 -10.56 11.91 18.48
N PHE G 49 -10.78 10.61 18.57
CA PHE G 49 -11.75 10.02 19.49
C PHE G 49 -11.00 9.14 20.48
N ASP G 50 -11.19 9.40 21.77
CA ASP G 50 -10.47 8.72 22.83
C ASP G 50 -11.39 7.70 23.49
N PHE G 51 -10.96 6.44 23.51
CA PHE G 51 -11.71 5.35 24.13
C PHE G 51 -10.80 4.71 25.16
N ASP G 52 -10.97 5.10 26.43
CA ASP G 52 -10.13 4.64 27.53
C ASP G 52 -8.65 4.90 27.25
N GLY G 53 -8.35 6.13 26.86
CA GLY G 53 -6.99 6.56 26.58
C GLY G 53 -6.52 6.30 25.16
N ASP G 54 -6.88 5.14 24.60
CA ASP G 54 -6.49 4.81 23.24
C ASP G 54 -7.27 5.67 22.25
N GLU G 55 -6.81 5.65 21.00
CA GLU G 55 -7.31 6.52 19.94
C GLU G 55 -8.09 5.68 18.93
N ILE G 56 -9.37 6.01 18.74
CA ILE G 56 -10.16 5.31 17.73
C ILE G 56 -9.68 5.66 16.33
N PHE G 57 -9.51 6.96 16.07
CA PHE G 57 -9.03 7.46 14.79
C PHE G 57 -8.63 8.91 14.97
N HIS G 58 -8.11 9.51 13.90
CA HIS G 58 -7.74 10.91 13.91
C HIS G 58 -7.84 11.46 12.50
N VAL G 59 -8.43 12.65 12.38
CA VAL G 59 -8.65 13.28 11.08
C VAL G 59 -7.44 14.14 10.75
N ASP G 60 -6.61 13.67 9.83
CA ASP G 60 -5.44 14.42 9.39
C ASP G 60 -5.89 15.64 8.60
N MET G 61 -5.51 16.83 9.08
CA MET G 61 -5.90 18.06 8.39
C MET G 61 -5.27 18.15 7.01
N ALA G 62 -4.01 17.73 6.89
CA ALA G 62 -3.30 17.85 5.62
C ALA G 62 -3.96 17.00 4.54
N LYS G 63 -4.17 15.71 4.82
CA LYS G 63 -4.74 14.81 3.83
C LYS G 63 -6.27 14.83 3.82
N LYS G 64 -6.91 15.45 4.81
CA LYS G 64 -8.36 15.49 4.92
C LYS G 64 -8.95 14.08 4.86
N GLU G 65 -8.38 13.19 5.65
CA GLU G 65 -8.73 11.78 5.65
C GLU G 65 -8.97 11.30 7.07
N THR G 66 -9.89 10.34 7.21
CA THR G 66 -10.18 9.72 8.50
C THR G 66 -9.20 8.58 8.70
N VAL G 67 -8.03 8.91 9.24
CA VAL G 67 -6.97 7.92 9.45
C VAL G 67 -7.29 7.13 10.71
N TRP G 68 -7.76 5.89 10.53
CA TRP G 68 -8.07 5.03 11.66
C TRP G 68 -6.77 4.52 12.29
N ARG G 69 -6.74 4.47 13.62
CA ARG G 69 -5.56 3.99 14.31
C ARG G 69 -5.25 2.56 13.91
N LEU G 70 -6.27 1.72 13.83
CA LEU G 70 -6.18 0.40 13.23
C LEU G 70 -7.08 0.38 12.00
N GLU G 71 -6.53 -0.05 10.87
CA GLU G 71 -7.30 -0.09 9.63
C GLU G 71 -8.50 -1.04 9.74
N GLU G 72 -8.47 -1.96 10.71
CA GLU G 72 -9.61 -2.85 10.91
C GLU G 72 -10.86 -2.10 11.33
N PHE G 73 -10.68 -0.89 11.87
CA PHE G 73 -11.81 -0.07 12.33
C PHE G 73 -12.50 0.56 11.11
N GLY G 74 -11.74 0.85 10.06
CA GLY G 74 -12.33 1.39 8.82
C GLY G 74 -13.24 0.37 8.17
N ARG G 75 -12.95 -0.92 8.36
CA ARG G 75 -13.82 -2.00 7.79
C ARG G 75 -14.98 -2.25 8.76
N PHE G 76 -15.04 -1.49 9.87
CA PHE G 76 -16.08 -1.74 10.89
C PHE G 76 -16.93 -0.47 11.09
N ALA G 77 -16.33 0.71 10.89
CA ALA G 77 -17.06 1.98 11.11
C ALA G 77 -16.68 3.01 10.05
N SER G 78 -17.17 4.25 10.20
CA SER G 78 -16.89 5.29 9.22
C SER G 78 -16.99 6.65 9.91
N PHE G 79 -16.42 7.66 9.27
CA PHE G 79 -16.45 9.02 9.79
C PHE G 79 -16.25 10.00 8.64
N GLU G 80 -16.89 11.16 8.76
CA GLU G 80 -16.82 12.21 7.76
C GLU G 80 -15.74 13.21 8.16
N ALA G 81 -14.60 13.17 7.47
CA ALA G 81 -13.45 13.95 7.87
C ALA G 81 -13.67 15.45 7.73
N GLN G 82 -14.47 15.87 6.74
CA GLN G 82 -14.67 17.30 6.51
C GLN G 82 -15.36 17.95 7.71
N GLY G 83 -16.20 17.20 8.42
CA GLY G 83 -16.85 17.76 9.59
C GLY G 83 -15.86 18.14 10.68
N ALA G 84 -14.82 17.33 10.86
CA ALA G 84 -13.82 17.61 11.89
C ALA G 84 -13.08 18.90 11.59
N LEU G 85 -12.75 19.14 10.31
CA LEU G 85 -12.03 20.36 9.95
C LEU G 85 -12.85 21.59 10.26
N ALA G 86 -14.17 21.49 10.17
CA ALA G 86 -15.03 22.61 10.55
C ALA G 86 -14.89 22.92 12.04
N ASN G 87 -14.81 21.89 12.88
CA ASN G 87 -14.65 22.11 14.31
C ASN G 87 -13.33 22.79 14.63
N ILE G 88 -12.24 22.34 14.02
CA ILE G 88 -10.93 22.91 14.30
C ILE G 88 -10.90 24.38 13.89
N ALA G 89 -11.58 24.74 12.81
CA ALA G 89 -11.72 26.14 12.45
C ALA G 89 -12.47 26.90 13.52
N VAL G 90 -13.54 26.30 14.08
CA VAL G 90 -14.25 26.93 15.19
C VAL G 90 -13.38 26.94 16.43
N ASP G 91 -12.63 25.86 16.67
CA ASP G 91 -11.72 25.82 17.81
C ASP G 91 -10.66 26.90 17.71
N LYS G 92 -10.12 27.11 16.50
CA LYS G 92 -9.19 28.20 16.28
C LYS G 92 -9.83 29.55 16.58
N ALA G 93 -11.08 29.73 16.14
CA ALA G 93 -11.78 30.99 16.38
C ALA G 93 -11.98 31.25 17.87
N ASN G 94 -12.39 30.22 18.62
CA ASN G 94 -12.62 30.40 20.05
C ASN G 94 -11.32 30.75 20.77
N LEU G 95 -10.22 30.08 20.40
CA LEU G 95 -8.93 30.37 21.02
C LEU G 95 -8.54 31.82 20.81
N GLU G 96 -8.77 32.34 19.59
CA GLU G 96 -8.55 33.76 19.35
C GLU G 96 -9.48 34.62 20.22
N ILE G 97 -10.74 34.21 20.36
CA ILE G 97 -11.65 34.91 21.23
C ILE G 97 -11.19 34.82 22.68
N MET G 98 -10.76 33.64 23.13
CA MET G 98 -10.29 33.50 24.50
C MET G 98 -9.00 34.27 24.72
N THR G 99 -8.12 34.31 23.72
CA THR G 99 -6.85 35.02 23.87
C THR G 99 -7.07 36.50 24.15
N LYS G 100 -7.99 37.13 23.42
CA LYS G 100 -8.30 38.53 23.69
C LYS G 100 -8.93 38.70 25.05
N ARG G 101 -9.79 37.77 25.46
CA ARG G 101 -10.43 37.85 26.77
C ARG G 101 -9.49 37.51 27.91
N SER G 102 -8.45 36.70 27.68
CA SER G 102 -7.54 36.29 28.72
C SER G 102 -6.35 37.22 28.88
N ASN G 103 -6.33 38.34 28.14
CA ASN G 103 -5.25 39.33 28.21
C ASN G 103 -3.89 38.72 27.89
N TYR G 104 -3.88 37.74 26.98
CA TYR G 104 -2.64 37.11 26.50
C TYR G 104 -1.85 36.48 27.65
N THR G 105 -2.48 35.53 28.33
CA THR G 105 -1.73 34.84 29.36
C THR G 105 -1.07 33.59 28.77
N PRO G 106 0.18 33.31 29.13
CA PRO G 106 0.89 32.18 28.55
C PRO G 106 0.52 30.86 29.22
N ILE G 107 1.24 29.81 28.84
CA ILE G 107 1.01 28.45 29.33
C ILE G 107 2.27 27.98 30.03
N THR G 108 2.12 27.45 31.24
CA THR G 108 3.24 26.82 31.93
C THR G 108 3.67 25.57 31.18
N ASN G 109 4.83 25.64 30.53
CA ASN G 109 5.31 24.56 29.68
C ASN G 109 5.82 23.45 30.57
N VAL G 110 4.97 22.45 30.81
CA VAL G 110 5.34 21.32 31.67
C VAL G 110 6.44 20.52 31.00
N PRO G 111 7.45 20.05 31.74
CA PRO G 111 8.50 19.23 31.12
C PRO G 111 7.95 17.88 30.69
N PRO G 112 8.21 17.49 29.46
CA PRO G 112 7.73 16.19 28.97
C PRO G 112 8.54 15.00 29.46
N GLU G 113 8.18 14.44 30.62
CA GLU G 113 8.78 13.20 31.07
C GLU G 113 8.73 12.16 29.96
N VAL G 114 9.89 11.63 29.59
CA VAL G 114 10.05 10.75 28.44
C VAL G 114 10.53 9.39 28.93
N THR G 115 9.83 8.34 28.48
CA THR G 115 10.24 6.97 28.75
C THR G 115 10.34 6.23 27.42
N VAL G 116 11.46 5.54 27.21
CA VAL G 116 11.68 4.77 26.00
C VAL G 116 11.41 3.31 26.29
N LEU G 117 10.46 2.73 25.55
CA LEU G 117 10.04 1.35 25.73
C LEU G 117 9.90 0.68 24.37
N THR G 118 9.55 -0.61 24.39
CA THR G 118 9.33 -1.38 23.18
C THR G 118 7.96 -2.03 23.23
N ASN G 119 7.36 -2.23 22.06
CA ASN G 119 6.01 -2.80 22.00
C ASN G 119 5.98 -4.22 22.55
N SER G 120 7.05 -4.97 22.35
CA SER G 120 7.19 -6.34 22.85
C SER G 120 8.57 -6.50 23.45
N PRO G 121 8.85 -7.49 24.33
CA PRO G 121 10.23 -7.69 24.81
C PRO G 121 11.21 -7.68 23.63
N VAL G 122 12.20 -6.79 23.66
CA VAL G 122 13.19 -6.67 22.55
C VAL G 122 13.72 -8.06 22.19
N GLU G 123 13.58 -8.46 20.93
CA GLU G 123 14.11 -9.78 20.47
C GLU G 123 15.22 -9.53 19.44
N LEU G 124 16.45 -9.93 19.74
CA LEU G 124 17.60 -9.66 18.85
C LEU G 124 17.25 -10.02 17.40
N ARG G 125 17.51 -9.11 16.46
CA ARG G 125 17.26 -9.37 15.01
C ARG G 125 15.80 -9.76 14.78
N GLU G 126 14.88 -9.33 15.66
CA GLU G 126 13.44 -9.61 15.43
C GLU G 126 12.70 -8.26 15.49
N PRO G 127 12.15 -7.77 14.37
CA PRO G 127 11.52 -6.43 14.32
C PRO G 127 10.69 -6.02 15.55
N ASN G 128 10.95 -4.83 16.10
CA ASN G 128 10.16 -4.29 17.24
C ASN G 128 9.83 -2.83 16.95
N VAL G 129 8.87 -2.23 17.67
CA VAL G 129 8.61 -0.81 17.44
C VAL G 129 9.01 -0.06 18.71
N LEU G 130 10.24 0.47 18.79
CA LEU G 130 10.58 1.36 19.90
C LEU G 130 9.48 2.39 20.07
N ILE G 131 9.11 2.65 21.31
CA ILE G 131 8.04 3.59 21.64
C ILE G 131 8.60 4.63 22.59
N CYS G 132 8.63 5.88 22.15
CA CYS G 132 9.09 7.00 22.95
C CYS G 132 7.87 7.70 23.52
N PHE G 133 7.69 7.61 24.83
CA PHE G 133 6.48 8.08 25.51
C PHE G 133 6.70 9.51 25.98
N ILE G 134 6.40 10.46 25.11
CA ILE G 134 6.45 11.88 25.47
C ILE G 134 5.20 12.17 26.29
N ASP G 135 5.35 12.22 27.61
CA ASP G 135 4.23 12.20 28.54
C ASP G 135 4.24 13.45 29.41
N LYS G 136 3.03 13.92 29.75
CA LYS G 136 2.83 15.04 30.68
C LYS G 136 3.53 16.31 30.18
N PHE G 137 3.03 16.80 29.05
CA PHE G 137 3.58 18.02 28.47
C PHE G 137 2.48 18.87 27.86
N THR G 138 2.78 20.18 27.76
CA THR G 138 1.95 21.16 27.07
C THR G 138 2.84 22.35 26.77
N PRO G 139 2.67 23.04 25.63
CA PRO G 139 1.73 22.80 24.53
C PRO G 139 2.05 21.56 23.72
N PRO G 140 1.07 20.99 23.03
CA PRO G 140 1.28 19.75 22.26
C PRO G 140 1.99 20.00 20.93
N VAL G 141 3.19 20.59 21.02
CA VAL G 141 4.08 20.74 19.87
C VAL G 141 5.48 20.41 20.37
N VAL G 142 6.03 19.30 19.92
CA VAL G 142 7.34 18.84 20.38
C VAL G 142 8.17 18.41 19.17
N ASN G 143 9.49 18.46 19.33
CA ASN G 143 10.45 18.04 18.30
C ASN G 143 11.08 16.73 18.76
N VAL G 144 10.61 15.62 18.18
CA VAL G 144 11.11 14.30 18.53
C VAL G 144 11.87 13.75 17.33
N THR G 145 13.12 13.35 17.56
CA THR G 145 13.96 12.79 16.52
C THR G 145 14.65 11.55 17.04
N TRP G 146 14.61 10.48 16.27
CA TRP G 146 15.28 9.25 16.64
C TRP G 146 16.72 9.28 16.15
N LEU G 147 17.66 9.04 17.07
CA LEU G 147 19.08 9.07 16.77
C LEU G 147 19.64 7.66 16.91
N ARG G 148 19.99 7.05 15.78
CA ARG G 148 20.67 5.77 15.77
C ARG G 148 22.17 6.02 15.64
N ASN G 149 22.91 5.64 16.67
CA ASN G 149 24.36 5.89 16.73
C ASN G 149 24.68 7.38 16.57
N GLY G 150 23.82 8.23 17.13
CA GLY G 150 24.05 9.65 17.13
C GLY G 150 23.63 10.39 15.88
N LYS G 151 23.08 9.70 14.88
CA LYS G 151 22.68 10.36 13.66
C LYS G 151 21.16 10.32 13.51
N PRO G 152 20.56 11.36 12.91
CA PRO G 152 19.10 11.38 12.77
C PRO G 152 18.59 10.25 11.90
N VAL G 153 17.39 9.77 12.24
CA VAL G 153 16.71 8.73 11.48
C VAL G 153 15.37 9.30 11.01
N THR G 154 15.20 9.38 9.71
CA THR G 154 13.98 9.93 9.09
C THR G 154 13.49 9.00 7.99
N THR G 155 13.63 7.70 8.18
CA THR G 155 13.17 6.70 7.21
C THR G 155 12.47 5.59 7.96
N GLY G 156 11.14 5.55 7.86
CA GLY G 156 10.36 4.52 8.52
C GLY G 156 10.07 4.81 9.98
N VAL G 157 9.83 6.09 10.26
CA VAL G 157 9.66 6.53 11.67
C VAL G 157 8.28 7.15 11.81
N SER G 158 7.44 6.60 12.69
CA SER G 158 6.05 7.11 12.77
C SER G 158 5.77 7.75 14.13
N GLU G 159 4.68 8.50 14.22
CA GLU G 159 4.30 9.17 15.50
C GLU G 159 2.78 9.18 15.60
N THR G 160 2.23 9.01 16.80
CA THR G 160 0.76 9.09 16.95
C THR G 160 0.37 10.54 17.26
N VAL G 161 -0.86 10.93 16.91
CA VAL G 161 -1.34 12.26 17.23
C VAL G 161 -1.31 12.47 18.75
N PHE G 162 -1.22 13.73 19.16
CA PHE G 162 -1.15 14.08 20.57
C PHE G 162 -2.39 13.59 21.31
N LEU G 163 -2.22 12.58 22.16
CA LEU G 163 -3.27 11.89 22.90
C LEU G 163 -3.51 12.57 24.25
N PRO G 164 -4.75 12.60 24.72
CA PRO G 164 -5.07 13.33 25.95
C PRO G 164 -4.93 12.47 27.19
N ARG G 165 -5.02 13.13 28.36
CA ARG G 165 -4.93 12.47 29.64
C ARG G 165 -5.98 13.06 30.58
N GLU G 166 -6.11 12.43 31.76
CA GLU G 166 -7.12 12.85 32.72
C GLU G 166 -6.88 14.26 33.21
N ASP G 167 -5.61 14.60 33.49
CA ASP G 167 -5.24 15.93 33.95
C ASP G 167 -4.87 16.85 32.81
N HIS G 168 -5.16 16.46 31.57
CA HIS G 168 -5.08 17.33 30.39
C HIS G 168 -3.63 17.69 30.06
N LEU G 169 -2.75 16.72 30.19
CA LEU G 169 -1.38 16.81 29.69
C LEU G 169 -1.22 15.76 28.60
N PHE G 170 -0.74 16.18 27.44
CA PHE G 170 -0.79 15.32 26.28
C PHE G 170 0.22 14.18 26.37
N ARG G 171 -0.11 13.09 25.69
CA ARG G 171 0.79 11.98 25.44
C ARG G 171 1.13 11.94 23.96
N LYS G 172 2.22 11.27 23.64
CA LYS G 172 2.61 11.09 22.25
C LYS G 172 3.55 9.90 22.16
N PHE G 173 3.28 9.01 21.22
CA PHE G 173 4.10 7.84 21.00
C PHE G 173 4.81 7.98 19.66
N HIS G 174 6.11 7.68 19.64
CA HIS G 174 6.87 7.66 18.41
C HIS G 174 7.33 6.23 18.15
N TYR G 175 7.05 5.75 16.94
CA TYR G 175 7.27 4.35 16.58
C TYR G 175 8.40 4.28 15.57
N LEU G 176 9.41 3.47 15.89
CA LEU G 176 10.55 3.23 15.01
C LEU G 176 10.67 1.73 14.80
N PRO G 177 10.07 1.18 13.76
CA PRO G 177 10.23 -0.24 13.47
C PRO G 177 11.69 -0.55 13.17
N PHE G 178 12.34 -1.29 14.04
CA PHE G 178 13.78 -1.51 13.97
C PHE G 178 14.09 -2.98 14.11
N LEU G 179 15.17 -3.40 13.46
CA LEU G 179 15.75 -4.72 13.69
C LEU G 179 16.74 -4.60 14.84
N PRO G 180 16.47 -5.18 16.00
CA PRO G 180 17.34 -4.92 17.16
C PRO G 180 18.78 -5.37 16.93
N SER G 181 19.71 -4.59 17.44
CA SER G 181 21.13 -4.90 17.32
C SER G 181 21.88 -4.21 18.45
N THR G 182 22.89 -4.89 18.98
CA THR G 182 23.71 -4.30 20.03
C THR G 182 24.62 -3.21 19.47
N GLU G 183 24.92 -3.26 18.17
CA GLU G 183 25.81 -2.27 17.57
C GLU G 183 25.18 -0.88 17.55
N ASP G 184 23.85 -0.82 17.46
CA ASP G 184 23.15 0.45 17.36
C ASP G 184 22.55 0.86 18.70
N VAL G 185 22.72 2.12 19.06
CA VAL G 185 22.14 2.69 20.26
C VAL G 185 21.19 3.81 19.85
N TYR G 186 19.93 3.69 20.25
CA TYR G 186 18.88 4.59 19.83
C TYR G 186 18.66 5.69 20.86
N ASP G 187 18.09 6.80 20.40
CA ASP G 187 17.80 7.94 21.25
C ASP G 187 16.51 8.60 20.80
N CYS G 188 15.90 9.35 21.72
CA CYS G 188 14.67 10.10 21.44
C CYS G 188 14.90 11.52 21.93
N ARG G 189 15.46 12.37 21.07
CA ARG G 189 15.67 13.77 21.41
C ARG G 189 14.32 14.48 21.46
N VAL G 190 13.99 15.04 22.61
CA VAL G 190 12.69 15.63 22.85
C VAL G 190 12.91 17.10 23.19
N GLU G 191 12.66 17.97 22.20
CA GLU G 191 12.84 19.41 22.36
C GLU G 191 11.50 20.04 22.69
N HIS G 192 11.32 20.43 23.94
CA HIS G 192 10.11 21.12 24.37
C HIS G 192 10.50 22.40 25.09
N TRP G 193 9.66 23.43 24.92
CA TRP G 193 9.97 24.74 25.46
C TRP G 193 10.04 24.72 26.98
N GLY G 194 9.42 23.74 27.62
CA GLY G 194 9.55 23.61 29.05
C GLY G 194 10.92 23.14 29.49
N LEU G 195 11.68 22.54 28.57
CA LEU G 195 13.01 22.03 28.87
C LEU G 195 14.05 23.08 28.48
N ASP G 196 14.86 23.49 29.44
CA ASP G 196 15.98 24.39 29.13
C ASP G 196 16.98 23.71 28.20
N GLU G 197 17.35 22.47 28.51
CA GLU G 197 18.25 21.67 27.71
C GLU G 197 17.48 20.51 27.06
N PRO G 198 17.88 20.08 25.87
CA PRO G 198 17.17 18.97 25.21
C PRO G 198 17.28 17.69 26.02
N LEU G 199 16.18 16.94 26.08
CA LEU G 199 16.18 15.64 26.71
C LEU G 199 16.72 14.59 25.75
N LEU G 200 17.51 13.66 26.27
CA LEU G 200 18.11 12.59 25.48
C LEU G 200 17.95 11.29 26.27
N LYS G 201 16.85 10.59 26.03
CA LYS G 201 16.68 9.26 26.61
C LYS G 201 17.30 8.23 25.69
N HIS G 202 17.71 7.11 26.29
CA HIS G 202 18.56 6.13 25.62
C HIS G 202 17.93 4.75 25.69
N TRP G 203 18.19 3.96 24.65
CA TRP G 203 17.79 2.56 24.63
C TRP G 203 18.94 1.73 24.08
N GLU G 204 19.06 0.50 24.60
CA GLU G 204 20.06 -0.44 24.11
C GLU G 204 19.56 -1.85 24.38
N PHE G 205 19.95 -2.78 23.53
CA PHE G 205 19.48 -4.15 23.62
C PHE G 205 20.11 -4.83 24.82
N ASP G 206 19.29 -5.18 25.82
CA ASP G 206 19.73 -5.90 27.01
C ASP G 206 18.56 -6.75 27.48
N ALA G 207 18.59 -8.04 27.15
CA ALA G 207 17.53 -8.96 27.55
C ALA G 207 18.06 -10.38 27.70
N THR H 32 10.49 30.62 21.38
CA THR H 32 9.94 30.61 22.72
C THR H 32 9.04 31.82 22.96
N ARG H 33 7.80 31.74 22.49
CA ARG H 33 6.80 32.77 22.64
C ARG H 33 5.63 32.26 23.48
N PRO H 34 4.86 33.15 24.10
CA PRO H 34 3.67 32.70 24.83
C PRO H 34 2.69 31.99 23.92
N ARG H 35 2.07 30.93 24.44
CA ARG H 35 1.19 30.08 23.68
C ARG H 35 -0.24 30.18 24.20
N PHE H 36 -1.17 29.61 23.43
CA PHE H 36 -2.57 29.55 23.82
C PHE H 36 -3.15 28.25 23.29
N LEU H 37 -3.80 27.48 24.17
CA LEU H 37 -4.28 26.15 23.85
C LEU H 37 -5.75 26.01 24.20
N TRP H 38 -6.53 25.48 23.26
CA TRP H 38 -7.97 25.29 23.45
C TRP H 38 -8.33 23.86 23.04
N GLN H 39 -8.39 22.97 24.03
CA GLN H 39 -8.67 21.55 23.79
C GLN H 39 -9.99 21.15 24.45
N PRO H 40 -11.08 21.06 23.70
CA PRO H 40 -12.31 20.49 24.26
C PRO H 40 -12.12 19.01 24.60
N LYS H 41 -12.86 18.57 25.62
CA LYS H 41 -12.87 17.16 26.02
C LYS H 41 -14.32 16.76 26.26
N ARG H 42 -14.96 16.22 25.22
CA ARG H 42 -16.35 15.79 25.30
C ARG H 42 -16.37 14.35 25.77
N GLU H 43 -16.51 14.15 27.08
CA GLU H 43 -16.45 12.83 27.67
C GLU H 43 -17.83 12.18 27.70
N CYS H 44 -17.85 10.85 27.60
CA CYS H 44 -19.07 10.05 27.61
C CYS H 44 -18.87 8.88 28.56
N HIS H 45 -19.44 8.97 29.75
CA HIS H 45 -19.30 7.94 30.77
C HIS H 45 -20.60 7.13 30.83
N PHE H 46 -20.54 5.88 30.38
CA PHE H 46 -21.67 4.97 30.53
C PHE H 46 -21.25 3.74 31.33
N PHE H 47 -22.11 3.34 32.27
CA PHE H 47 -21.85 2.24 33.17
C PHE H 47 -22.79 1.08 32.88
N ASN H 48 -22.24 -0.14 32.93
CA ASN H 48 -22.99 -1.36 32.65
C ASN H 48 -23.66 -1.28 31.28
N GLY H 49 -22.81 -1.15 30.27
CA GLY H 49 -23.28 -0.94 28.92
C GLY H 49 -23.84 0.46 28.75
N THR H 50 -25.16 0.58 28.63
CA THR H 50 -25.84 1.85 28.50
C THR H 50 -26.99 2.00 29.49
N GLU H 51 -26.93 1.29 30.62
CA GLU H 51 -27.97 1.41 31.63
C GLU H 51 -28.03 2.83 32.19
N ARG H 52 -26.87 3.42 32.46
CA ARG H 52 -26.78 4.80 32.95
C ARG H 52 -25.64 5.48 32.21
N VAL H 53 -25.95 6.55 31.48
CA VAL H 53 -24.99 7.26 30.65
C VAL H 53 -24.76 8.64 31.23
N ARG H 54 -23.49 9.01 31.39
CA ARG H 54 -23.09 10.32 31.89
C ARG H 54 -22.31 11.03 30.79
N PHE H 55 -22.76 12.23 30.43
CA PHE H 55 -22.14 13.02 29.36
C PHE H 55 -21.45 14.23 29.99
N LEU H 56 -20.15 14.12 30.22
CA LEU H 56 -19.35 15.18 30.80
C LEU H 56 -18.70 15.97 29.67
N ASP H 57 -19.19 17.19 29.44
CA ASP H 57 -18.70 18.04 28.36
C ASP H 57 -17.69 19.01 28.95
N ARG H 58 -16.40 18.77 28.70
CA ARG H 58 -15.32 19.57 29.25
C ARG H 58 -14.66 20.38 28.14
N TYR H 59 -14.57 21.69 28.36
CA TYR H 59 -13.82 22.59 27.49
C TYR H 59 -12.66 23.14 28.33
N PHE H 60 -11.48 22.59 28.13
CA PHE H 60 -10.31 22.93 28.95
C PHE H 60 -9.40 23.90 28.20
N TYR H 61 -9.00 24.96 28.88
CA TYR H 61 -8.13 25.99 28.31
C TYR H 61 -6.84 26.06 29.12
N ASN H 62 -5.72 25.79 28.46
CA ASN H 62 -4.40 25.86 29.08
C ASN H 62 -4.32 24.97 30.32
N GLN H 63 -4.76 23.72 30.17
CA GLN H 63 -4.79 22.72 31.24
C GLN H 63 -5.68 23.17 32.40
N GLU H 64 -6.65 24.03 32.14
CA GLU H 64 -7.64 24.43 33.13
C GLU H 64 -9.02 24.45 32.48
N GLU H 65 -10.02 23.98 33.23
CA GLU H 65 -11.37 23.87 32.69
C GLU H 65 -12.03 25.23 32.57
N SER H 66 -12.96 25.34 31.62
CA SER H 66 -13.80 26.52 31.46
C SER H 66 -15.26 26.22 31.74
N VAL H 67 -15.85 25.23 31.05
CA VAL H 67 -17.20 24.77 31.33
C VAL H 67 -17.16 23.27 31.51
N ARG H 68 -18.12 22.75 32.29
CA ARG H 68 -18.18 21.32 32.59
C ARG H 68 -19.61 20.82 32.48
N PHE H 69 -20.26 21.13 31.35
CA PHE H 69 -21.62 20.65 31.09
C PHE H 69 -21.70 19.15 31.33
N ASP H 70 -22.50 18.75 32.30
CA ASP H 70 -22.62 17.35 32.68
C ASP H 70 -24.08 16.92 32.60
N SER H 71 -24.29 15.67 32.18
CA SER H 71 -25.64 15.14 32.10
C SER H 71 -26.19 14.79 33.48
N ASP H 72 -25.33 14.35 34.40
CA ASP H 72 -25.78 14.10 35.76
C ASP H 72 -26.35 15.36 36.40
N VAL H 73 -25.65 16.48 36.27
CA VAL H 73 -26.18 17.74 36.74
C VAL H 73 -27.28 18.25 35.82
N GLY H 74 -27.04 18.18 34.51
CA GLY H 74 -27.98 18.67 33.52
C GLY H 74 -27.88 20.17 33.29
N GLU H 75 -27.79 20.94 34.36
CA GLU H 75 -27.64 22.38 34.26
C GLU H 75 -26.24 22.73 33.78
N PHE H 76 -26.16 23.82 33.00
CA PHE H 76 -24.88 24.29 32.48
C PHE H 76 -24.13 25.02 33.59
N ARG H 77 -22.92 24.54 33.90
CA ARG H 77 -22.08 25.09 34.96
C ARG H 77 -20.74 25.54 34.39
N ALA H 78 -19.91 26.09 35.27
CA ALA H 78 -18.56 26.49 34.92
C ALA H 78 -17.67 26.29 36.15
N VAL H 79 -16.48 25.74 35.93
CA VAL H 79 -15.59 25.41 37.05
C VAL H 79 -14.82 26.64 37.50
N THR H 80 -14.01 27.19 36.62
CA THR H 80 -13.17 28.34 36.96
C THR H 80 -13.92 29.64 36.69
N GLU H 81 -13.34 30.74 37.17
CA GLU H 81 -13.96 32.05 36.96
C GLU H 81 -13.86 32.49 35.51
N LEU H 82 -12.85 32.00 34.79
CA LEU H 82 -12.69 32.37 33.38
C LEU H 82 -13.83 31.83 32.52
N GLY H 83 -14.28 30.61 32.79
CA GLY H 83 -15.33 29.98 32.02
C GLY H 83 -16.74 30.35 32.41
N ARG H 84 -16.91 31.22 33.42
CA ARG H 84 -18.25 31.63 33.82
C ARG H 84 -19.02 32.32 32.70
N PRO H 85 -18.46 33.29 31.96
CA PRO H 85 -19.22 33.85 30.83
C PRO H 85 -19.57 32.83 29.77
N ASP H 86 -18.70 31.84 29.54
CA ASP H 86 -18.95 30.84 28.50
C ASP H 86 -20.19 30.01 28.81
N ALA H 87 -20.34 29.61 30.08
CA ALA H 87 -21.51 28.82 30.46
C ALA H 87 -22.80 29.62 30.31
N GLU H 88 -22.76 30.91 30.69
CA GLU H 88 -23.97 31.72 30.65
C GLU H 88 -24.48 31.90 29.23
N TYR H 89 -23.58 32.10 28.27
CA TYR H 89 -24.00 32.26 26.89
C TYR H 89 -24.63 30.99 26.35
N TRP H 90 -24.09 29.83 26.71
CA TRP H 90 -24.57 28.57 26.16
C TRP H 90 -25.88 28.12 26.81
N ASN H 91 -26.10 28.43 28.08
CA ASN H 91 -27.39 28.13 28.69
C ASN H 91 -28.44 29.21 28.40
N SER H 92 -28.02 30.36 27.85
CA SER H 92 -28.98 31.39 27.49
C SER H 92 -29.92 30.90 26.38
N GLN H 93 -29.39 30.18 25.41
CA GLN H 93 -30.19 29.62 24.33
C GLN H 93 -30.70 28.25 24.74
N LYS H 94 -32.02 28.07 24.68
CA LYS H 94 -32.61 26.78 25.06
C LYS H 94 -32.27 25.69 24.06
N ASP H 95 -32.01 26.06 22.80
CA ASP H 95 -31.65 25.07 21.79
C ASP H 95 -30.33 24.40 22.14
N ILE H 96 -29.35 25.16 22.62
CA ILE H 96 -28.06 24.59 23.00
C ILE H 96 -28.24 23.61 24.15
N LEU H 97 -29.08 23.97 25.13
CA LEU H 97 -29.35 23.06 26.24
C LEU H 97 -29.94 21.75 25.75
N GLU H 98 -30.90 21.80 24.83
CA GLU H 98 -31.50 20.59 24.31
C GLU H 98 -30.47 19.75 23.56
N GLN H 99 -29.60 20.40 22.79
CA GLN H 99 -28.57 19.67 22.04
C GLN H 99 -27.64 18.93 23.00
N ALA H 100 -27.22 19.60 24.07
CA ALA H 100 -26.34 18.95 25.04
C ALA H 100 -27.08 17.87 25.82
N ARG H 101 -28.33 18.14 26.22
CA ARG H 101 -29.09 17.15 26.97
C ARG H 101 -29.45 15.95 26.12
N ALA H 102 -29.78 16.16 24.84
CA ALA H 102 -30.04 15.05 23.94
C ALA H 102 -28.77 14.30 23.56
N ALA H 103 -27.60 14.90 23.78
CA ALA H 103 -26.34 14.24 23.48
C ALA H 103 -26.05 13.06 24.38
N VAL H 104 -26.76 12.93 25.51
CA VAL H 104 -26.50 11.80 26.40
C VAL H 104 -26.84 10.48 25.73
N ASP H 105 -27.88 10.47 24.88
CA ASP H 105 -28.27 9.27 24.15
C ASP H 105 -27.98 9.34 22.66
N THR H 106 -28.00 10.53 22.07
CA THR H 106 -27.66 10.65 20.65
C THR H 106 -26.16 10.49 20.41
N TYR H 107 -25.33 11.12 21.25
CA TYR H 107 -23.88 11.04 21.08
C TYR H 107 -23.30 9.80 21.75
N CYS H 108 -23.42 9.71 23.07
CA CYS H 108 -22.74 8.64 23.80
C CYS H 108 -23.36 7.28 23.50
N ARG H 109 -24.69 7.19 23.59
CA ARG H 109 -25.36 5.89 23.50
C ARG H 109 -25.25 5.30 22.09
N HIS H 110 -25.52 6.13 21.07
CA HIS H 110 -25.42 5.64 19.69
C HIS H 110 -24.00 5.24 19.35
N ASN H 111 -23.01 6.05 19.75
CA ASN H 111 -21.63 5.70 19.47
C ASN H 111 -21.24 4.41 20.17
N TYR H 112 -21.80 4.14 21.35
CA TYR H 112 -21.47 2.91 22.04
C TYR H 112 -21.79 1.69 21.19
N GLY H 113 -22.97 1.68 20.57
CA GLY H 113 -23.32 0.57 19.69
C GLY H 113 -22.43 0.50 18.47
N VAL H 114 -22.10 1.66 17.89
CA VAL H 114 -21.25 1.68 16.70
C VAL H 114 -19.84 1.20 17.02
N VAL H 115 -19.28 1.64 18.15
CA VAL H 115 -17.90 1.33 18.50
C VAL H 115 -17.79 0.12 19.42
N GLU H 116 -18.91 -0.50 19.79
CA GLU H 116 -18.85 -1.69 20.66
C GLU H 116 -18.13 -2.84 19.99
N SER H 117 -18.38 -3.05 18.69
CA SER H 117 -17.99 -4.31 18.06
C SER H 117 -16.48 -4.52 18.08
N PHE H 118 -15.70 -3.45 18.05
CA PHE H 118 -14.25 -3.55 17.96
C PHE H 118 -13.51 -2.87 19.10
N THR H 119 -14.19 -2.24 20.05
CA THR H 119 -13.53 -1.66 21.21
C THR H 119 -14.02 -2.26 22.52
N VAL H 120 -15.32 -2.24 22.79
CA VAL H 120 -15.83 -2.82 24.02
C VAL H 120 -15.71 -4.34 23.99
N GLN H 121 -16.09 -4.95 22.88
CA GLN H 121 -16.00 -6.40 22.70
C GLN H 121 -14.61 -6.83 22.26
N ARG H 122 -13.69 -5.90 22.08
CA ARG H 122 -12.35 -6.23 21.63
C ARG H 122 -11.62 -7.03 22.71
N ARG H 123 -11.27 -8.28 22.39
CA ARG H 123 -10.59 -9.18 23.31
C ARG H 123 -9.40 -9.76 22.55
N VAL H 124 -8.24 -9.13 22.68
CA VAL H 124 -7.03 -9.63 22.04
C VAL H 124 -6.22 -10.41 23.06
N GLN H 125 -5.46 -11.38 22.57
CA GLN H 125 -4.83 -12.35 23.46
C GLN H 125 -3.69 -11.71 24.24
N PRO H 126 -3.60 -11.94 25.55
CA PRO H 126 -2.50 -11.38 26.34
C PRO H 126 -1.23 -12.21 26.25
N LYS H 127 -0.40 -11.96 25.25
CA LYS H 127 0.87 -12.66 25.14
C LYS H 127 1.69 -12.47 26.41
N VAL H 128 2.17 -13.58 26.97
CA VAL H 128 2.86 -13.58 28.27
C VAL H 128 4.21 -14.24 28.10
N THR H 129 5.25 -13.56 28.59
CA THR H 129 6.59 -14.13 28.66
C THR H 129 7.16 -13.84 30.04
N VAL H 130 7.92 -14.80 30.57
CA VAL H 130 8.56 -14.69 31.87
C VAL H 130 10.05 -14.89 31.69
N TYR H 131 10.84 -13.91 32.11
CA TYR H 131 12.29 -13.97 31.99
C TYR H 131 12.92 -13.45 33.28
N PRO H 132 14.08 -13.98 33.66
CA PRO H 132 14.79 -13.44 34.82
C PRO H 132 15.47 -12.12 34.50
N SER H 133 15.82 -11.40 35.55
CA SER H 133 16.49 -10.12 35.41
C SER H 133 17.30 -9.84 36.67
N LYS H 134 18.23 -8.91 36.57
CA LYS H 134 19.10 -8.52 37.67
C LYS H 134 18.69 -7.14 38.18
N THR H 135 18.58 -7.02 39.50
CA THR H 135 18.23 -5.73 40.09
C THR H 135 19.36 -4.72 39.94
N GLN H 136 20.60 -5.18 39.94
CA GLN H 136 21.75 -4.29 39.84
C GLN H 136 22.67 -4.77 38.72
N PRO H 137 23.39 -3.84 38.08
CA PRO H 137 24.35 -4.24 37.05
C PRO H 137 25.49 -5.07 37.63
N LEU H 138 26.05 -5.93 36.79
CA LEU H 138 27.18 -6.81 37.12
C LEU H 138 26.82 -7.83 38.19
N GLN H 139 25.54 -8.06 38.46
CA GLN H 139 25.09 -9.02 39.44
C GLN H 139 24.24 -10.10 38.76
N HIS H 140 24.25 -11.29 39.35
CA HIS H 140 23.47 -12.39 38.80
C HIS H 140 21.97 -12.10 38.91
N HIS H 141 21.20 -12.80 38.11
CA HIS H 141 19.75 -12.57 38.06
C HIS H 141 19.12 -12.84 39.41
N ASN H 142 18.28 -11.90 39.86
CA ASN H 142 17.59 -12.04 41.14
C ASN H 142 16.15 -11.56 41.08
N LEU H 143 15.61 -11.31 39.89
CA LEU H 143 14.24 -10.84 39.73
C LEU H 143 13.52 -11.69 38.70
N LEU H 144 12.20 -11.73 38.83
CA LEU H 144 11.33 -12.40 37.87
C LEU H 144 10.30 -11.40 37.37
N VAL H 145 10.23 -11.22 36.05
CA VAL H 145 9.29 -10.30 35.42
C VAL H 145 8.30 -11.12 34.62
N CYS H 146 7.02 -10.99 34.97
CA CYS H 146 5.94 -11.65 34.25
C CYS H 146 5.41 -10.64 33.23
N SER H 147 5.93 -10.69 32.02
CA SER H 147 5.67 -9.69 30.99
C SER H 147 4.35 -10.01 30.29
N VAL H 148 3.33 -9.20 30.57
CA VAL H 148 2.04 -9.30 29.90
C VAL H 148 2.00 -8.15 28.90
N SER H 149 2.35 -8.44 27.65
CA SER H 149 2.46 -7.42 26.61
C SER H 149 1.54 -7.77 25.45
N GLY H 150 0.72 -6.80 25.05
CA GLY H 150 -0.08 -6.95 23.84
C GLY H 150 -1.50 -7.41 24.07
N PHE H 151 -2.21 -6.81 25.01
CA PHE H 151 -3.57 -7.20 25.32
C PHE H 151 -4.49 -5.98 25.35
N TYR H 152 -5.78 -6.26 25.41
CA TYR H 152 -6.84 -5.28 25.50
C TYR H 152 -8.14 -5.98 25.89
N PRO H 153 -8.91 -5.46 26.84
CA PRO H 153 -8.71 -4.22 27.61
C PRO H 153 -7.78 -4.40 28.80
N GLY H 154 -7.53 -3.33 29.55
CA GLY H 154 -6.56 -3.35 30.63
C GLY H 154 -7.13 -3.73 31.98
N SER H 155 -7.43 -5.01 32.18
CA SER H 155 -7.93 -5.53 33.45
C SER H 155 -7.18 -6.81 33.80
N ILE H 156 -5.84 -6.74 33.73
CA ILE H 156 -5.02 -7.92 33.95
C ILE H 156 -4.87 -8.19 35.44
N GLU H 157 -4.52 -9.43 35.77
CA GLU H 157 -4.22 -9.85 37.13
C GLU H 157 -3.04 -10.81 37.09
N VAL H 158 -2.10 -10.63 38.02
CA VAL H 158 -0.87 -11.41 38.06
C VAL H 158 -0.70 -12.01 39.44
N ARG H 159 -0.43 -13.32 39.50
CA ARG H 159 -0.17 -14.00 40.76
C ARG H 159 0.86 -15.09 40.52
N TRP H 160 1.88 -15.14 41.38
CA TRP H 160 2.98 -16.07 41.22
C TRP H 160 2.75 -17.35 42.03
N PHE H 161 3.52 -18.38 41.66
CA PHE H 161 3.43 -19.68 42.33
C PHE H 161 4.83 -20.30 42.40
N LEU H 162 5.04 -21.14 43.42
CA LEU H 162 6.27 -21.91 43.55
C LEU H 162 5.91 -23.34 43.91
N ASN H 163 6.29 -24.28 43.04
CA ASN H 163 6.00 -25.71 43.23
C ASN H 163 4.52 -25.94 43.45
N GLY H 164 3.68 -25.21 42.72
CA GLY H 164 2.25 -25.30 42.88
C GLY H 164 1.68 -24.51 44.04
N GLN H 165 2.52 -23.83 44.81
CA GLN H 165 2.07 -23.04 45.96
C GLN H 165 2.23 -21.57 45.64
N GLU H 166 1.18 -20.80 45.90
CA GLU H 166 1.18 -19.37 45.60
C GLU H 166 2.21 -18.64 46.46
N GLU H 167 2.94 -17.72 45.83
CA GLU H 167 3.90 -16.88 46.51
C GLU H 167 3.36 -15.46 46.62
N LYS H 168 3.72 -14.78 47.70
CA LYS H 168 3.25 -13.43 47.99
C LYS H 168 4.44 -12.48 48.11
N ALA H 169 4.16 -11.24 48.51
CA ALA H 169 5.18 -10.21 48.69
C ALA H 169 5.99 -9.97 47.42
N GLY H 170 5.35 -10.16 46.27
CA GLY H 170 6.02 -9.93 45.00
C GLY H 170 5.12 -9.21 44.01
N MET H 171 4.21 -8.38 44.52
CA MET H 171 3.24 -7.66 43.70
C MET H 171 3.73 -6.26 43.33
N VAL H 172 5.03 -6.11 43.12
CA VAL H 172 5.59 -4.81 42.72
C VAL H 172 5.43 -4.67 41.21
N SER H 173 4.34 -4.04 40.78
CA SER H 173 4.03 -3.89 39.37
C SER H 173 4.43 -2.52 38.87
N THR H 174 4.81 -2.46 37.60
CA THR H 174 5.17 -1.20 36.95
C THR H 174 3.97 -0.45 36.41
N GLY H 175 2.77 -1.00 36.53
CA GLY H 175 1.58 -0.35 36.04
C GLY H 175 1.32 -0.66 34.57
N LEU H 176 0.08 -0.39 34.16
CA LEU H 176 -0.34 -0.63 32.78
C LEU H 176 0.28 0.43 31.88
N ILE H 177 1.36 0.06 31.20
CA ILE H 177 2.07 0.97 30.30
C ILE H 177 1.40 0.88 28.93
N GLN H 178 0.73 1.95 28.53
CA GLN H 178 0.01 1.97 27.27
C GLN H 178 1.00 2.01 26.11
N ASN H 179 0.79 1.13 25.12
CA ASN H 179 1.64 1.10 23.92
C ASN H 179 1.12 1.99 22.81
N GLY H 180 -0.08 2.56 22.95
CA GLY H 180 -0.64 3.44 21.95
C GLY H 180 -1.23 2.75 20.74
N ASP H 181 -0.81 1.52 20.45
CA ASP H 181 -1.38 0.75 19.34
C ASP H 181 -2.52 -0.14 19.82
N TRP H 182 -3.45 0.47 20.55
CA TRP H 182 -4.61 -0.23 21.13
C TRP H 182 -4.17 -1.49 21.87
N THR H 183 -3.07 -1.40 22.59
CA THR H 183 -2.55 -2.50 23.39
C THR H 183 -1.95 -1.94 24.68
N PHE H 184 -1.85 -2.79 25.68
CA PHE H 184 -1.27 -2.44 26.97
C PHE H 184 0.00 -3.26 27.22
N GLN H 185 0.66 -2.96 28.32
CA GLN H 185 1.89 -3.64 28.68
C GLN H 185 2.12 -3.48 30.17
N THR H 186 2.54 -4.56 30.83
CA THR H 186 2.76 -4.55 32.26
C THR H 186 3.90 -5.50 32.60
N LEU H 187 4.77 -5.08 33.52
CA LEU H 187 5.90 -5.88 33.98
C LEU H 187 5.82 -6.01 35.49
N VAL H 188 5.10 -7.02 35.96
CA VAL H 188 5.02 -7.31 37.38
C VAL H 188 6.27 -8.05 37.81
N MET H 189 6.93 -7.57 38.87
CA MET H 189 8.21 -8.10 39.30
C MET H 189 8.09 -8.72 40.69
N LEU H 190 8.60 -9.94 40.84
CA LEU H 190 8.69 -10.62 42.12
C LEU H 190 10.13 -11.05 42.33
N GLU H 191 10.67 -10.76 43.51
CA GLU H 191 12.07 -11.01 43.80
C GLU H 191 12.27 -12.44 44.30
N THR H 192 13.18 -13.16 43.65
CA THR H 192 13.53 -14.51 44.06
C THR H 192 14.89 -14.87 43.47
N VAL H 193 15.52 -15.88 44.06
CA VAL H 193 16.83 -16.36 43.64
C VAL H 193 16.64 -17.74 43.01
N PRO H 194 16.89 -17.90 41.70
CA PRO H 194 16.75 -19.22 41.09
C PRO H 194 17.72 -20.23 41.71
N ARG H 195 17.22 -21.46 41.89
CA ARG H 195 18.05 -22.53 42.44
C ARG H 195 17.81 -23.87 41.74
N SER H 196 17.09 -23.88 40.62
CA SER H 196 16.74 -25.11 39.91
C SER H 196 16.02 -26.10 40.83
N GLY H 197 15.19 -25.58 41.71
CA GLY H 197 14.43 -26.41 42.63
C GLY H 197 12.95 -26.09 42.65
N GLU H 198 12.57 -24.98 42.04
CA GLU H 198 11.19 -24.52 42.01
C GLU H 198 10.72 -24.44 40.56
N VAL H 199 9.44 -24.12 40.39
CA VAL H 199 8.84 -24.03 39.07
C VAL H 199 8.60 -22.60 38.61
N TYR H 200 8.42 -21.65 39.54
CA TYR H 200 8.30 -20.22 39.24
C TYR H 200 7.16 -19.97 38.24
N THR H 201 5.96 -20.26 38.70
CA THR H 201 4.76 -20.17 37.87
C THR H 201 4.09 -18.82 38.09
N CYS H 202 3.89 -18.08 37.00
CA CYS H 202 3.08 -16.87 36.97
C CYS H 202 1.74 -17.17 36.31
N GLN H 203 0.77 -16.29 36.56
CA GLN H 203 -0.58 -16.49 36.06
C GLN H 203 -1.16 -15.16 35.60
N VAL H 204 -2.08 -15.24 34.64
CA VAL H 204 -2.70 -14.06 34.05
C VAL H 204 -4.19 -14.33 33.89
N GLU H 205 -5.03 -13.37 34.30
CA GLU H 205 -6.47 -13.49 34.20
C GLU H 205 -7.00 -12.27 33.45
N HIS H 206 -7.48 -12.49 32.23
CA HIS H 206 -7.96 -11.43 31.35
C HIS H 206 -9.29 -11.84 30.75
N PRO H 207 -10.15 -10.86 30.42
CA PRO H 207 -11.44 -11.21 29.80
C PRO H 207 -11.31 -11.96 28.48
N SER H 208 -10.23 -11.75 27.74
CA SER H 208 -10.09 -12.38 26.43
C SER H 208 -9.99 -13.89 26.49
N VAL H 209 -9.54 -14.44 27.62
CA VAL H 209 -9.36 -15.88 27.78
C VAL H 209 -10.27 -16.36 28.91
N THR H 210 -11.04 -17.40 28.63
CA THR H 210 -11.94 -17.94 29.64
C THR H 210 -11.18 -18.69 30.74
N SER H 211 -9.98 -19.16 30.45
CA SER H 211 -9.17 -19.90 31.42
C SER H 211 -7.92 -19.09 31.77
N PRO H 212 -7.58 -18.96 33.05
CA PRO H 212 -6.36 -18.24 33.43
C PRO H 212 -5.13 -18.72 32.68
N LEU H 213 -4.41 -17.78 32.06
CA LEU H 213 -3.21 -18.11 31.30
C LEU H 213 -2.05 -18.30 32.26
N THR H 214 -1.46 -19.49 32.26
CA THR H 214 -0.33 -19.80 33.11
C THR H 214 0.98 -19.68 32.33
N VAL H 215 2.09 -19.67 33.07
CA VAL H 215 3.41 -19.64 32.48
C VAL H 215 4.40 -20.09 33.55
N GLU H 216 5.37 -20.90 33.14
CA GLU H 216 6.35 -21.47 34.06
C GLU H 216 7.76 -21.22 33.53
N TRP H 217 8.72 -21.17 34.45
CA TRP H 217 10.10 -20.93 34.08
C TRP H 217 11.02 -21.59 35.10
N ARG H 218 11.92 -22.43 34.60
CA ARG H 218 12.90 -23.12 35.44
C ARG H 218 14.30 -22.86 34.91
N ALA H 219 15.23 -22.63 35.83
CA ALA H 219 16.61 -22.36 35.47
C ALA H 219 17.31 -23.61 34.95
N LEU I 73 33.74 -40.32 15.38
CA LEU I 73 33.12 -40.42 16.69
C LEU I 73 32.36 -39.13 17.01
N ALA I 74 32.95 -37.98 16.66
CA ALA I 74 32.32 -36.70 16.87
C ALA I 74 31.31 -36.35 15.78
N GLY I 75 31.27 -37.12 14.70
CA GLY I 75 30.36 -36.80 13.61
C GLY I 75 28.91 -36.81 14.03
N GLN I 76 28.54 -37.74 14.91
CA GLN I 76 27.17 -37.80 15.40
C GLN I 76 26.79 -36.52 16.13
N ALA I 77 27.67 -36.04 17.02
CA ALA I 77 27.38 -34.80 17.74
C ALA I 77 27.32 -33.62 16.77
N THR I 78 28.27 -33.52 15.85
CA THR I 78 28.30 -32.38 14.94
C THR I 78 27.07 -32.36 14.05
N THR I 79 26.67 -33.51 13.52
CA THR I 79 25.49 -33.57 12.66
C THR I 79 24.24 -33.14 13.41
N ALA I 80 24.06 -33.64 14.64
CA ALA I 80 22.91 -33.23 15.44
C ALA I 80 22.98 -31.76 15.81
N TYR I 81 24.20 -31.25 16.03
CA TYR I 81 24.37 -29.83 16.30
C TYR I 81 23.89 -28.99 15.13
N PHE I 82 24.29 -29.37 13.92
CA PHE I 82 23.75 -28.70 12.73
C PHE I 82 22.27 -29.00 12.57
N LEU I 83 21.87 -30.26 12.81
CA LEU I 83 20.49 -30.66 12.58
C LEU I 83 19.54 -29.91 13.50
N TYR I 84 19.90 -29.74 14.76
CA TYR I 84 18.99 -29.13 15.72
C TYR I 84 18.71 -27.68 15.36
N GLN I 85 19.75 -26.88 15.15
CA GLN I 85 19.56 -25.45 14.95
C GLN I 85 18.91 -25.16 13.61
N GLN I 86 19.25 -25.93 12.58
CA GLN I 86 18.62 -25.72 11.27
C GLN I 86 17.13 -26.04 11.34
N GLN I 87 16.76 -27.09 12.07
CA GLN I 87 15.35 -27.45 12.19
C GLN I 87 14.58 -26.38 12.97
N GLY I 88 15.14 -25.94 14.11
CA GLY I 88 14.45 -24.97 14.93
C GLY I 88 14.25 -23.64 14.24
N ARG I 89 15.29 -23.14 13.57
CA ARG I 89 15.18 -21.88 12.86
C ARG I 89 14.19 -21.99 11.71
N LEU I 90 14.25 -23.10 10.96
CA LEU I 90 13.43 -23.23 9.76
C LEU I 90 11.95 -23.35 10.09
N ASP I 91 11.61 -24.01 11.20
CA ASP I 91 10.20 -24.13 11.58
C ASP I 91 9.58 -22.77 11.79
N LYS I 92 10.23 -21.91 12.57
CA LYS I 92 9.73 -20.55 12.77
C LYS I 92 9.84 -19.74 11.49
N LEU I 93 10.83 -20.07 10.65
CA LEU I 93 10.99 -19.34 9.39
C LEU I 93 9.88 -19.68 8.40
N THR I 94 9.44 -20.93 8.37
CA THR I 94 8.33 -21.30 7.51
C THR I 94 7.05 -20.61 7.94
N VAL I 95 6.81 -20.52 9.25
CA VAL I 95 5.59 -19.89 9.74
C VAL I 95 5.59 -18.40 9.41
N THR I 96 6.72 -17.72 9.65
CA THR I 96 6.78 -16.30 9.36
C THR I 96 6.78 -16.03 7.86
N SER I 97 7.07 -17.06 7.07
CA SER I 97 7.01 -16.91 5.60
C SER I 97 5.55 -17.07 5.16
N GLN I 98 4.91 -18.16 5.56
CA GLN I 98 3.50 -18.43 5.15
C GLN I 98 2.61 -17.27 5.62
N ASN I 99 2.81 -16.82 6.85
CA ASN I 99 2.00 -15.68 7.39
C ASN I 99 2.33 -14.42 6.59
N LEU I 100 3.60 -14.24 6.23
CA LEU I 100 3.98 -13.08 5.37
C LEU I 100 3.28 -13.23 4.02
N GLN I 101 3.35 -14.41 3.43
CA GLN I 101 2.63 -14.67 2.15
C GLN I 101 1.14 -14.42 2.38
N LEU I 102 0.66 -14.67 3.60
CA LEU I 102 -0.75 -14.40 3.87
C LEU I 102 -1.01 -12.91 3.96
N GLU I 103 -0.02 -12.14 4.43
CA GLU I 103 -0.16 -10.70 4.45
C GLU I 103 -0.23 -10.14 3.03
N ASN I 104 0.50 -10.75 2.10
CA ASN I 104 0.42 -10.32 0.71
C ASN I 104 -0.98 -10.52 0.14
N LEU I 105 -1.61 -11.66 0.46
CA LEU I 105 -3.00 -11.86 0.03
C LEU I 105 -3.91 -10.83 0.67
N ARG I 106 -3.69 -10.51 1.93
CA ARG I 106 -4.49 -9.48 2.59
C ARG I 106 -4.23 -8.11 1.99
N MET I 107 -2.97 -7.82 1.63
CA MET I 107 -2.67 -6.54 0.98
C MET I 107 -3.19 -6.49 -0.44
N LYS I 108 -3.38 -7.65 -1.08
CA LYS I 108 -3.97 -7.71 -2.40
C LYS I 108 -5.49 -7.72 -2.36
N LEU I 109 -6.09 -7.73 -1.17
CA LEU I 109 -7.54 -7.77 -1.06
C LEU I 109 -8.15 -6.46 -1.60
N PRO I 110 -9.41 -6.51 -2.03
CA PRO I 110 -10.00 -5.36 -2.73
C PRO I 110 -10.37 -4.19 -1.84
N LYS I 111 -9.86 -4.14 -0.61
CA LYS I 111 -10.10 -3.02 0.29
C LYS I 111 -11.58 -2.84 0.57
N PRO I 112 -12.17 -3.70 1.40
CA PRO I 112 -13.64 -3.68 1.63
C PRO I 112 -14.16 -2.28 1.92
N PRO I 113 -15.43 -2.01 1.58
CA PRO I 113 -15.91 -0.62 1.55
C PRO I 113 -16.30 -0.06 2.91
N LYS I 114 -16.84 1.15 2.90
CA LYS I 114 -17.28 1.80 4.13
C LYS I 114 -18.61 1.23 4.57
N PRO I 115 -18.72 0.67 5.77
CA PRO I 115 -20.01 0.12 6.22
C PRO I 115 -21.04 1.21 6.47
N VAL I 116 -22.25 0.80 6.87
CA VAL I 116 -23.31 1.76 7.18
C VAL I 116 -23.15 2.38 8.56
N SER I 117 -22.26 1.84 9.39
CA SER I 117 -22.05 2.39 10.73
C SER I 117 -21.29 3.71 10.61
N LYS I 118 -21.82 4.75 11.26
CA LYS I 118 -21.24 6.09 11.22
C LYS I 118 -21.12 6.62 12.63
N MET I 119 -19.88 6.74 13.11
CA MET I 119 -19.64 7.41 14.39
C MET I 119 -19.99 8.88 14.27
N ARG I 120 -20.60 9.42 15.32
CA ARG I 120 -21.12 10.78 15.28
C ARG I 120 -20.19 11.73 16.01
N MET I 121 -20.01 12.92 15.44
CA MET I 121 -19.17 13.96 15.99
C MET I 121 -20.04 15.11 16.49
N ALA I 122 -19.79 15.55 17.72
CA ALA I 122 -20.50 16.71 18.24
C ALA I 122 -19.99 17.98 17.58
N THR I 123 -20.84 19.00 17.57
CA THR I 123 -20.51 20.27 16.94
C THR I 123 -20.31 21.33 18.00
N PRO I 124 -19.06 21.66 18.36
CA PRO I 124 -18.83 22.74 19.32
C PRO I 124 -19.21 24.09 18.75
N LEU I 125 -19.63 24.99 19.63
CA LEU I 125 -20.02 26.33 19.24
C LEU I 125 -18.93 27.31 19.66
N LEU I 126 -19.11 28.56 19.25
CA LEU I 126 -18.16 29.62 19.58
C LEU I 126 -18.38 30.10 21.01
N MET I 127 -17.33 30.71 21.58
CA MET I 127 -17.41 31.29 22.92
C MET I 127 -17.94 32.72 22.85
N GLN I 128 -19.08 32.86 22.18
CA GLN I 128 -19.71 34.16 21.95
C GLN I 128 -18.74 35.15 21.29
#